data_5MZV
#
_entry.id   5MZV
#
_cell.length_a   67.219
_cell.length_b   112.190
_cell.length_c   109.870
_cell.angle_alpha   90.00
_cell.angle_beta   106.24
_cell.angle_gamma   90.00
#
_symmetry.space_group_name_H-M   'P 1 21 1'
#
loop_
_entity.id
_entity.type
_entity.pdbx_description
1 polymer 'Interleukin-12 subunit beta'
2 polymer 'Interleukin-23 subunit alpha'
3 polymer 'Interleukin-23 receptor'
4 polymer 'Nanobody 22E11'
5 branched alpha-D-mannopyranose-(1-2)-alpha-D-mannopyranose-(1-3)-[alpha-D-mannopyranose-(1-3)-alpha-D-mannopyranose-(1-6)]beta-D-mannopyranose-(1-4)-2-acetamido-2-deoxy-beta-D-glucopyranose-(1-4)-2-acetamido-2-deoxy-beta-D-glucopyranose
6 branched 2-acetamido-2-deoxy-beta-D-glucopyranose-(1-4)-2-acetamido-2-deoxy-beta-D-glucopyranose
7 branched beta-D-mannopyranose-(1-4)-2-acetamido-2-deoxy-beta-D-glucopyranose-(1-4)-2-acetamido-2-deoxy-beta-D-glucopyranose
8 non-polymer 'CHLORIDE ION'
9 non-polymer 'SODIUM ION'
10 non-polymer 2-acetamido-2-deoxy-beta-D-glucopyranose
11 water water
#
loop_
_entity_poly.entity_id
_entity_poly.type
_entity_poly.pdbx_seq_one_letter_code
_entity_poly.pdbx_strand_id
1 'polypeptide(L)'
;MCHQQLVISWFSLVFLASPLVAIWELKKDVYVVELDWYPDAPGEMVVLTCDTPEEDGITWTLDQSSEVLGSGKTLTIQVK
EFGDAGQYTCHKGGEVLSHSLLLLHKKEDGIWSTDILKDQKEPKNKTFLRCEAKNYSGRFTCWWLTTISTDLTFSVKSSR
GSSDPQGVTCGAATLSAERVRGDNKEYEYSVECQEDSACPAAEESLPIEVMVDAVHKLKYENYTSSFFIRDIIKPDPPKN
LQLKPLKNSRQVEVSWEYPDTWSTPHSYFSLTFCVQVQGKSKREKKDRVFTDKTSATVICRKNASISVRAQDRYYSSSWS
EWASVPCS
;
A
2 'polypeptide(L)'
;MLGSRAVMLLLLLPWTAQGRAVPGGSSPAWTQCQQLSQKLCTLAWSAHPLVGHMDLREEGDEETTNDVPHIQCGDGCDPQ
GLRDNSQFCLQRIHQGLIFYEKLLGSDIFTGEPSLLPDSPVGQLHASLLGLSQLLQPEGHHWETQQIPSLSPSQPWQRLL
LRFKILRSLQAFVAVAARVFAHGAATLSPGTKHHHHHH
;
B
3 'polypeptide(L)'
;MNQVTIQWDAVIALYILFSWCHGGITNINCSGHIWVEPATIFKMGMNISIYCQAAIKNCQPRKLHFYKNGIKERFQITRI
NKTTARLWYKNFLEPHASMYCTAECPKHFQETLICGKDISSGYPPDIPDEVTCVIYEYSGNMTCTWNAGKLTYIDTKYVV
HVKSLETEEEQQYLTSSYINISTDSLQGGKKYLVWVQAANALGMEESKQLQIHLDDIVIPSAAVISRAETINATVPKTII
YWDSQTTIEKVSCEMRYKATTNQTWNVKEFDTNFTYVQQSEFYLEPNIKYVFQVRCQETGKRYWQPWSSLFFHKTPEIEG
RGTKHHHHHH
;
C
4 'polypeptide(L)'
;MKYLLPTAAAGLLLLAAQPAMAEVQLVESGGGLVQAGGSLRLSCAASGRTFSWSAVGWFRQAPGKEREFVAAIRWSGGSP
YYADSVKDRFTISRDNAKNTVYLQMNSLRPEDTAVYLCGETSLFPTSRGSHYDTWGQGTQVTVSSGSGWSHPQFEK
;
D
#
# COMPACT_ATOMS: atom_id res chain seq x y z
N ILE A 23 -21.79 11.14 -22.96
CA ILE A 23 -21.16 11.90 -24.03
C ILE A 23 -20.71 13.24 -23.48
N TRP A 24 -19.55 13.71 -23.93
CA TRP A 24 -19.02 14.98 -23.44
C TRP A 24 -18.17 15.63 -24.51
N GLU A 25 -18.09 16.96 -24.46
CA GLU A 25 -17.38 17.72 -25.48
C GLU A 25 -15.88 17.70 -25.19
N LEU A 26 -15.11 17.21 -26.15
CA LEU A 26 -13.65 17.23 -26.05
C LEU A 26 -13.10 18.58 -26.52
N LYS A 27 -13.51 19.01 -27.71
CA LYS A 27 -13.21 20.34 -28.21
C LYS A 27 -14.35 20.74 -29.12
N LYS A 28 -14.24 21.93 -29.71
CA LYS A 28 -15.33 22.47 -30.51
C LYS A 28 -15.79 21.45 -31.55
N ASP A 29 -17.05 21.03 -31.43
CA ASP A 29 -17.71 20.12 -32.38
C ASP A 29 -17.10 18.72 -32.38
N VAL A 30 -16.38 18.33 -31.33
CA VAL A 30 -15.83 16.98 -31.20
C VAL A 30 -16.26 16.43 -29.84
N TYR A 31 -16.93 15.29 -29.85
CA TYR A 31 -17.49 14.70 -28.64
C TYR A 31 -16.98 13.27 -28.48
N VAL A 32 -16.92 12.83 -27.24
CA VAL A 32 -16.43 11.50 -26.89
C VAL A 32 -17.57 10.70 -26.28
N VAL A 33 -17.76 9.48 -26.76
CA VAL A 33 -18.74 8.55 -26.23
C VAL A 33 -17.99 7.45 -25.51
N GLU A 34 -18.40 7.15 -24.29
CA GLU A 34 -17.81 6.07 -23.53
C GLU A 34 -18.60 4.79 -23.80
N LEU A 35 -17.94 3.81 -24.40
CA LEU A 35 -18.56 2.57 -24.81
C LEU A 35 -18.00 1.42 -23.98
N ASP A 36 -18.85 0.79 -23.19
CA ASP A 36 -18.50 -0.44 -22.48
C ASP A 36 -18.85 -1.60 -23.40
N TRP A 37 -17.87 -2.10 -24.15
CA TRP A 37 -18.16 -3.08 -25.19
C TRP A 37 -18.01 -4.50 -24.69
N TYR A 38 -18.99 -5.32 -25.06
CA TYR A 38 -18.96 -6.76 -24.92
C TYR A 38 -19.95 -7.34 -25.90
N PRO A 39 -19.87 -8.63 -26.20
CA PRO A 39 -20.84 -9.21 -27.14
C PRO A 39 -22.27 -8.92 -26.71
N ASP A 40 -23.06 -8.41 -27.65
CA ASP A 40 -24.47 -8.08 -27.43
C ASP A 40 -24.66 -6.91 -26.47
N ALA A 41 -23.64 -6.08 -26.28
CA ALA A 41 -23.81 -4.89 -25.47
C ALA A 41 -24.82 -3.96 -26.14
N PRO A 42 -25.53 -3.13 -25.36
CA PRO A 42 -26.50 -2.21 -25.96
C PRO A 42 -25.87 -0.90 -26.40
N GLY A 43 -24.73 -0.56 -25.80
CA GLY A 43 -24.09 0.71 -26.10
C GLY A 43 -24.80 1.86 -25.41
N GLU A 44 -24.53 3.06 -25.92
CA GLU A 44 -25.08 4.28 -25.36
C GLU A 44 -26.00 4.96 -26.37
N MET A 45 -27.13 5.48 -25.89
CA MET A 45 -28.05 6.24 -26.71
C MET A 45 -27.61 7.70 -26.73
N VAL A 46 -27.36 8.23 -27.92
CA VAL A 46 -26.87 9.59 -28.09
C VAL A 46 -27.84 10.34 -28.99
N VAL A 47 -28.16 11.57 -28.58
CA VAL A 47 -29.03 12.46 -29.34
C VAL A 47 -28.20 13.63 -29.84
N LEU A 48 -28.23 13.84 -31.16
CA LEU A 48 -27.53 14.95 -31.78
C LEU A 48 -28.55 15.96 -32.28
N THR A 49 -28.17 17.25 -32.21
CA THR A 49 -29.06 18.33 -32.60
C THR A 49 -28.34 19.24 -33.59
N CYS A 50 -28.95 19.45 -34.74
CA CYS A 50 -28.35 20.30 -35.75
C CYS A 50 -28.30 21.75 -35.26
N ASP A 51 -27.13 22.38 -35.40
CA ASP A 51 -26.90 23.74 -34.92
C ASP A 51 -27.45 24.72 -35.96
N THR A 52 -28.77 24.89 -35.94
CA THR A 52 -29.44 25.71 -36.94
C THR A 52 -30.64 26.40 -36.31
N PRO A 53 -31.00 27.59 -36.79
CA PRO A 53 -32.32 28.12 -36.46
C PRO A 53 -33.46 27.35 -37.13
N GLU A 54 -33.21 26.76 -38.29
CA GLU A 54 -34.23 26.02 -39.01
C GLU A 54 -34.74 24.85 -38.17
N GLU A 55 -35.87 24.30 -38.62
CA GLU A 55 -36.52 23.18 -37.91
C GLU A 55 -37.02 22.08 -38.82
N ASP A 56 -37.32 22.35 -40.09
CA ASP A 56 -37.92 21.36 -40.98
C ASP A 56 -37.03 21.12 -42.20
N GLY A 57 -37.24 19.97 -42.82
CA GLY A 57 -36.51 19.62 -44.02
C GLY A 57 -35.05 19.30 -43.81
N ILE A 58 -34.69 18.77 -42.64
CA ILE A 58 -33.31 18.49 -42.29
C ILE A 58 -33.09 16.98 -42.36
N THR A 59 -31.96 16.58 -42.93
CA THR A 59 -31.59 15.18 -43.06
C THR A 59 -30.16 14.99 -42.56
N TRP A 60 -29.80 13.73 -42.32
CA TRP A 60 -28.55 13.39 -41.63
C TRP A 60 -27.76 12.36 -42.41
N THR A 61 -26.44 12.48 -42.37
CA THR A 61 -25.53 11.50 -42.95
C THR A 61 -24.43 11.17 -41.95
N LEU A 62 -23.62 10.17 -42.30
CA LEU A 62 -22.48 9.75 -41.50
C LEU A 62 -21.25 9.69 -42.39
N ASP A 63 -20.21 10.43 -42.02
CA ASP A 63 -18.95 10.45 -42.76
C ASP A 63 -19.26 10.88 -44.20
N GLN A 64 -18.68 10.23 -45.21
CA GLN A 64 -18.81 10.68 -46.60
C GLN A 64 -19.89 9.93 -47.37
N SER A 65 -20.67 9.09 -46.69
CA SER A 65 -21.76 8.39 -47.36
C SER A 65 -22.96 9.31 -47.48
N SER A 66 -23.70 9.17 -48.59
CA SER A 66 -24.85 10.00 -48.87
C SER A 66 -26.17 9.29 -48.57
N GLU A 67 -26.12 8.12 -47.95
CA GLU A 67 -27.32 7.48 -47.42
C GLU A 67 -27.87 8.32 -46.28
N VAL A 68 -29.14 8.72 -46.38
CA VAL A 68 -29.78 9.48 -45.32
C VAL A 68 -30.15 8.52 -44.20
N LEU A 69 -29.81 8.89 -42.97
CA LEU A 69 -30.07 8.05 -41.79
C LEU A 69 -31.36 8.43 -41.08
N GLY A 70 -31.69 9.72 -41.03
CA GLY A 70 -32.90 10.17 -40.38
C GLY A 70 -33.30 11.53 -40.91
N SER A 71 -34.46 11.99 -40.44
CA SER A 71 -35.01 13.28 -40.85
C SER A 71 -35.47 14.03 -39.61
N GLY A 72 -35.06 15.29 -39.51
CA GLY A 72 -35.43 16.14 -38.39
C GLY A 72 -34.24 16.91 -37.86
N LYS A 73 -34.57 17.86 -36.97
CA LYS A 73 -33.53 18.67 -36.36
C LYS A 73 -32.68 17.87 -35.38
N THR A 74 -33.15 16.71 -34.93
CA THR A 74 -32.42 15.89 -33.97
C THR A 74 -32.34 14.46 -34.47
N LEU A 75 -31.18 13.84 -34.28
CA LEU A 75 -30.93 12.46 -34.68
C LEU A 75 -30.55 11.64 -33.46
N THR A 76 -31.23 10.51 -33.27
CA THR A 76 -30.96 9.61 -32.16
C THR A 76 -30.32 8.35 -32.70
N ILE A 77 -29.16 7.99 -32.17
CA ILE A 77 -28.42 6.83 -32.62
C ILE A 77 -28.04 5.98 -31.43
N GLN A 78 -27.91 4.67 -31.66
CA GLN A 78 -27.45 3.73 -30.67
C GLN A 78 -25.98 3.45 -30.98
N VAL A 79 -25.09 4.09 -30.22
CA VAL A 79 -23.65 3.93 -30.42
C VAL A 79 -23.22 2.65 -29.69
N LYS A 80 -22.82 1.64 -30.46
CA LYS A 80 -22.37 0.39 -29.85
C LYS A 80 -21.14 -0.21 -30.52
N GLU A 81 -20.46 0.53 -31.39
CA GLU A 81 -19.25 0.07 -32.06
C GLU A 81 -18.60 1.27 -32.72
N PHE A 82 -17.37 1.08 -33.19
CA PHE A 82 -16.69 2.14 -33.93
C PHE A 82 -17.41 2.46 -35.23
N GLY A 83 -18.17 1.52 -35.78
CA GLY A 83 -18.92 1.80 -36.99
C GLY A 83 -19.96 2.89 -36.80
N ASP A 84 -20.46 3.06 -35.57
CA ASP A 84 -21.44 4.08 -35.27
C ASP A 84 -20.82 5.43 -34.95
N ALA A 85 -19.49 5.52 -34.98
CA ALA A 85 -18.80 6.78 -34.73
C ALA A 85 -18.39 7.43 -36.04
N GLY A 86 -17.86 8.65 -35.92
CA GLY A 86 -17.45 9.40 -37.09
C GLY A 86 -18.17 10.72 -37.20
N GLN A 87 -18.18 11.31 -38.40
CA GLN A 87 -18.71 12.65 -38.60
C GLN A 87 -20.18 12.55 -39.03
N TYR A 88 -21.08 12.90 -38.12
CA TYR A 88 -22.49 13.05 -38.44
C TYR A 88 -22.74 14.47 -38.90
N THR A 89 -23.44 14.61 -40.03
CA THR A 89 -23.65 15.90 -40.66
C THR A 89 -25.13 16.05 -41.01
N CYS A 90 -25.67 17.24 -40.79
CA CYS A 90 -27.06 17.54 -41.13
C CYS A 90 -27.11 18.48 -42.33
N HIS A 91 -28.06 18.22 -43.23
CA HIS A 91 -28.19 18.95 -44.48
C HIS A 91 -29.61 19.49 -44.63
N LYS A 92 -29.73 20.64 -45.28
CA LYS A 92 -31.02 21.22 -45.60
C LYS A 92 -30.95 21.93 -46.95
N GLY A 93 -31.88 21.61 -47.83
CA GLY A 93 -31.92 22.24 -49.14
C GLY A 93 -30.69 21.96 -49.99
N GLY A 94 -30.07 20.79 -49.80
CA GLY A 94 -28.90 20.42 -50.58
C GLY A 94 -27.59 21.01 -50.10
N GLU A 95 -27.59 21.73 -48.98
CA GLU A 95 -26.38 22.31 -48.43
C GLU A 95 -26.14 21.80 -47.01
N VAL A 96 -24.90 21.94 -46.55
CA VAL A 96 -24.48 21.46 -45.25
C VAL A 96 -24.75 22.54 -44.21
N LEU A 97 -25.15 22.11 -43.00
CA LEU A 97 -25.43 23.02 -41.91
C LEU A 97 -24.43 22.91 -40.77
N SER A 98 -24.20 21.72 -40.23
CA SER A 98 -23.33 21.58 -39.07
C SER A 98 -22.69 20.20 -39.05
N HIS A 99 -21.51 20.12 -38.45
CA HIS A 99 -20.78 18.88 -38.24
C HIS A 99 -20.86 18.46 -36.78
N SER A 100 -20.69 17.16 -36.56
CA SER A 100 -20.49 16.62 -35.21
C SER A 100 -19.65 15.36 -35.35
N LEU A 101 -18.47 15.36 -34.75
CA LEU A 101 -17.57 14.22 -34.81
C LEU A 101 -17.65 13.45 -33.49
N LEU A 102 -18.02 12.18 -33.57
CA LEU A 102 -18.08 11.31 -32.40
C LEU A 102 -16.84 10.42 -32.37
N LEU A 103 -16.09 10.51 -31.28
CA LEU A 103 -15.02 9.57 -30.98
C LEU A 103 -15.50 8.60 -29.92
N LEU A 104 -14.78 7.49 -29.78
CA LEU A 104 -15.11 6.47 -28.79
C LEU A 104 -13.97 6.33 -27.78
N HIS A 105 -14.33 6.29 -26.51
CA HIS A 105 -13.41 5.84 -25.46
C HIS A 105 -13.85 4.43 -25.11
N LYS A 106 -13.15 3.45 -25.65
CA LYS A 106 -13.59 2.06 -25.53
C LYS A 106 -13.15 1.49 -24.18
N LYS A 107 -14.12 0.95 -23.46
CA LYS A 107 -13.89 0.25 -22.20
C LYS A 107 -14.34 -1.18 -22.40
N GLU A 108 -13.49 -2.13 -22.02
CA GLU A 108 -13.81 -3.55 -22.18
C GLU A 108 -13.48 -4.27 -20.87
N ASP A 109 -14.52 -4.80 -20.23
CA ASP A 109 -14.35 -5.52 -18.96
C ASP A 109 -13.72 -4.62 -17.91
N GLY A 110 -14.14 -3.36 -17.88
CA GLY A 110 -13.68 -2.44 -16.86
C GLY A 110 -12.31 -1.84 -17.07
N ILE A 111 -11.78 -1.89 -18.28
CA ILE A 111 -10.42 -1.41 -18.56
C ILE A 111 -10.50 -0.51 -19.79
N TRP A 112 -10.07 0.75 -19.64
CA TRP A 112 -9.98 1.64 -20.78
C TRP A 112 -8.90 1.17 -21.74
N SER A 113 -9.13 1.33 -23.04
CA SER A 113 -8.15 0.91 -24.03
C SER A 113 -6.88 1.74 -23.90
N THR A 114 -5.76 1.11 -24.24
CA THR A 114 -4.45 1.77 -24.25
C THR A 114 -3.62 1.25 -25.43
N ASP A 115 -4.21 1.29 -26.63
CA ASP A 115 -3.55 0.77 -27.80
C ASP A 115 -2.52 1.74 -28.37
N ILE A 116 -2.78 3.05 -28.29
CA ILE A 116 -1.98 4.03 -29.00
C ILE A 116 -0.57 4.09 -28.43
N LEU A 117 -0.44 4.14 -27.11
CA LEU A 117 0.85 4.26 -26.47
C LEU A 117 1.33 2.89 -26.03
N LYS A 118 2.66 2.74 -25.95
CA LYS A 118 3.28 1.49 -25.55
C LYS A 118 3.79 1.61 -24.12
N ASP A 119 3.58 0.55 -23.35
CA ASP A 119 4.09 0.49 -21.99
C ASP A 119 5.61 0.44 -22.03
N GLN A 120 6.25 1.42 -21.41
CA GLN A 120 7.71 1.46 -21.36
C GLN A 120 8.28 0.63 -20.21
N LYS A 121 7.48 0.35 -19.19
CA LYS A 121 7.85 -0.57 -18.11
C LYS A 121 9.06 -0.10 -17.33
N GLU A 122 9.33 1.20 -17.36
CA GLU A 122 10.41 1.82 -16.59
C GLU A 122 9.96 3.21 -16.15
N PRO A 123 9.85 3.49 -14.85
CA PRO A 123 10.20 2.66 -13.69
C PRO A 123 9.25 1.50 -13.44
N LYS A 124 7.94 1.78 -13.45
CA LYS A 124 6.92 0.83 -13.08
C LYS A 124 6.19 0.32 -14.31
N ASN A 125 5.59 -0.86 -14.19
CA ASN A 125 4.62 -1.30 -15.18
C ASN A 125 3.50 -0.26 -15.29
N LYS A 126 2.83 -0.27 -16.43
CA LYS A 126 1.77 0.70 -16.71
C LYS A 126 2.32 2.13 -16.67
N THR A 127 3.51 2.32 -17.26
CA THR A 127 4.13 3.63 -17.40
C THR A 127 4.15 3.96 -18.89
N PHE A 128 3.19 4.77 -19.33
CA PHE A 128 3.11 5.21 -20.72
C PHE A 128 3.76 6.56 -20.94
N LEU A 129 3.66 7.46 -19.98
CA LEU A 129 4.40 8.71 -20.00
C LEU A 129 5.60 8.59 -19.07
N ARG A 130 6.78 8.90 -19.59
CA ARG A 130 8.01 8.85 -18.82
C ARG A 130 8.62 10.25 -18.82
N CYS A 131 8.77 10.83 -17.63
CA CYS A 131 9.22 12.20 -17.49
C CYS A 131 10.52 12.24 -16.69
N GLU A 132 11.42 13.14 -17.08
CA GLU A 132 12.71 13.30 -16.42
C GLU A 132 13.03 14.78 -16.30
N ALA A 133 13.90 15.09 -15.34
CA ALA A 133 14.37 16.45 -15.13
C ALA A 133 15.88 16.43 -14.94
N LYS A 134 16.58 17.28 -15.67
CA LYS A 134 18.03 17.36 -15.55
C LYS A 134 18.47 18.13 -14.31
N ASN A 135 17.55 18.80 -13.64
CA ASN A 135 17.89 19.65 -12.49
C ASN A 135 16.59 20.05 -11.80
N TYR A 136 16.71 20.86 -10.76
CA TYR A 136 15.57 21.31 -9.97
C TYR A 136 14.96 22.61 -10.51
N SER A 137 15.38 23.07 -11.68
CA SER A 137 14.92 24.36 -12.18
C SER A 137 13.41 24.41 -12.39
N GLY A 138 12.75 23.26 -12.51
CA GLY A 138 11.35 23.20 -12.84
C GLY A 138 11.06 22.82 -14.27
N ARG A 139 12.09 22.69 -15.11
CA ARG A 139 11.94 22.19 -16.46
C ARG A 139 12.03 20.67 -16.46
N PHE A 140 11.10 20.02 -17.14
CA PHE A 140 11.13 18.58 -17.29
C PHE A 140 10.64 18.21 -18.68
N THR A 141 10.95 16.98 -19.09
CA THR A 141 10.60 16.47 -20.40
C THR A 141 9.93 15.11 -20.23
N CYS A 142 8.83 14.90 -20.93
CA CYS A 142 8.14 13.61 -20.92
C CYS A 142 8.23 12.96 -22.30
N TRP A 143 8.24 11.63 -22.30
CA TRP A 143 8.35 10.84 -23.52
C TRP A 143 7.23 9.81 -23.56
N TRP A 144 6.90 9.36 -24.77
CA TRP A 144 6.02 8.21 -24.92
C TRP A 144 6.21 7.61 -26.30
N LEU A 145 5.79 6.36 -26.42
CA LEU A 145 6.08 5.53 -27.60
C LEU A 145 4.78 5.11 -28.29
N THR A 146 4.82 5.05 -29.61
CA THR A 146 3.68 4.58 -30.38
C THR A 146 4.19 3.96 -31.67
N THR A 147 3.48 2.94 -32.15
CA THR A 147 3.78 2.32 -33.43
C THR A 147 2.97 2.91 -34.58
N ILE A 148 2.17 3.93 -34.31
CA ILE A 148 1.31 4.54 -35.33
C ILE A 148 2.04 5.71 -35.97
N SER A 149 1.80 5.91 -37.27
CA SER A 149 2.44 6.97 -38.03
C SER A 149 1.49 7.90 -38.74
N THR A 150 0.19 7.60 -38.78
CA THR A 150 -0.78 8.43 -39.48
C THR A 150 -2.08 8.47 -38.69
N ASP A 151 -2.87 9.52 -38.96
CA ASP A 151 -4.17 9.70 -38.31
C ASP A 151 -4.03 9.80 -36.79
N LEU A 152 -2.90 10.33 -36.32
CA LEU A 152 -2.56 10.36 -34.91
C LEU A 152 -2.44 11.81 -34.44
N THR A 153 -3.08 12.11 -33.31
CA THR A 153 -3.05 13.44 -32.72
C THR A 153 -2.85 13.31 -31.23
N PHE A 154 -2.02 14.18 -30.67
CA PHE A 154 -1.80 14.26 -29.24
C PHE A 154 -2.14 15.66 -28.74
N SER A 155 -2.33 15.76 -27.42
CA SER A 155 -2.68 17.02 -26.78
C SER A 155 -2.23 16.94 -25.33
N VAL A 156 -1.41 17.90 -24.89
CA VAL A 156 -0.74 17.80 -23.61
C VAL A 156 -1.00 19.06 -22.80
N LYS A 157 -1.52 18.90 -21.60
CA LYS A 157 -1.59 19.96 -20.61
C LYS A 157 -0.95 19.46 -19.31
N SER A 158 -0.63 20.39 -18.43
CA SER A 158 0.02 20.04 -17.18
C SER A 158 -0.29 21.12 -16.14
N SER A 159 -0.05 20.78 -14.88
CA SER A 159 -0.29 21.68 -13.76
C SER A 159 0.28 21.06 -12.50
N ARG A 160 0.43 21.89 -11.47
CA ARG A 160 0.83 21.43 -10.15
C ARG A 160 -0.37 21.51 -9.22
N GLY A 161 -0.68 20.40 -8.56
CA GLY A 161 -1.87 20.32 -7.74
C GLY A 161 -3.12 20.24 -8.58
N SER A 162 -4.20 19.68 -8.01
CA SER A 162 -5.44 19.46 -8.74
C SER A 162 -6.59 20.34 -8.26
N SER A 163 -6.66 20.65 -6.97
CA SER A 163 -7.75 21.48 -6.45
C SER A 163 -7.64 22.90 -6.96
N ASP A 164 -6.67 23.67 -6.44
CA ASP A 164 -6.38 25.01 -6.92
C ASP A 164 -5.07 24.95 -7.70
N PRO A 165 -5.10 24.55 -8.97
CA PRO A 165 -3.86 24.21 -9.66
C PRO A 165 -3.03 25.44 -10.00
N GLN A 166 -1.73 25.33 -9.76
CA GLN A 166 -0.78 26.31 -10.26
C GLN A 166 -0.52 26.09 -11.74
N GLY A 167 0.20 27.03 -12.35
CA GLY A 167 0.39 27.02 -13.79
C GLY A 167 1.65 26.29 -14.22
N VAL A 168 1.50 25.42 -15.21
CA VAL A 168 2.63 24.77 -15.89
C VAL A 168 2.36 24.82 -17.38
N THR A 169 3.21 25.53 -18.12
CA THR A 169 3.08 25.62 -19.56
C THR A 169 3.95 24.56 -20.22
N CYS A 170 3.38 23.91 -21.23
CA CYS A 170 4.08 22.88 -21.99
C CYS A 170 4.10 23.25 -23.46
N GLY A 171 5.17 22.85 -24.14
CA GLY A 171 5.27 23.02 -25.58
C GLY A 171 4.42 21.99 -26.31
N ALA A 172 4.68 21.89 -27.61
CA ALA A 172 3.97 20.94 -28.46
C ALA A 172 4.72 19.61 -28.50
N ALA A 173 3.96 18.54 -28.64
CA ALA A 173 4.54 17.20 -28.76
C ALA A 173 4.94 16.95 -30.20
N THR A 174 6.17 16.48 -30.40
CA THR A 174 6.72 16.29 -31.74
C THR A 174 7.56 15.03 -31.76
N LEU A 175 7.66 14.42 -32.96
CA LEU A 175 8.52 13.26 -33.14
C LEU A 175 9.96 13.62 -32.80
N SER A 176 10.55 12.84 -31.88
CA SER A 176 11.94 13.03 -31.49
C SER A 176 12.85 11.92 -31.96
N ALA A 177 12.38 10.67 -31.97
CA ALA A 177 13.18 9.54 -32.37
C ALA A 177 12.30 8.56 -33.14
N GLU A 178 12.96 7.54 -33.70
CA GLU A 178 12.30 6.53 -34.52
C GLU A 178 13.22 5.32 -34.69
N ARG A 179 12.84 4.19 -34.09
CA ARG A 179 13.69 3.00 -34.14
C ARG A 179 12.87 1.80 -34.61
N VAL A 180 13.40 0.60 -34.44
CA VAL A 180 12.78 -0.63 -34.92
C VAL A 180 12.28 -1.43 -33.74
N ARG A 181 11.11 -2.04 -33.90
CA ARG A 181 10.48 -2.88 -32.89
C ARG A 181 10.10 -4.20 -33.54
N GLY A 182 11.10 -4.97 -33.97
CA GLY A 182 10.87 -6.18 -34.71
C GLY A 182 10.38 -5.90 -36.12
N ASP A 183 9.09 -6.09 -36.35
CA ASP A 183 8.48 -5.83 -37.65
C ASP A 183 7.72 -4.51 -37.70
N ASN A 184 7.76 -3.73 -36.63
CA ASN A 184 7.12 -2.43 -36.57
C ASN A 184 8.17 -1.35 -36.32
N LYS A 185 7.97 -0.18 -36.91
CA LYS A 185 8.72 0.99 -36.51
C LYS A 185 8.11 1.58 -35.26
N GLU A 186 8.96 1.98 -34.32
CA GLU A 186 8.55 2.54 -33.05
C GLU A 186 8.87 4.03 -33.05
N TYR A 187 7.85 4.87 -32.84
CA TYR A 187 7.99 6.31 -32.88
C TYR A 187 7.95 6.88 -31.48
N GLU A 188 8.77 7.92 -31.24
CA GLU A 188 8.92 8.51 -29.92
C GLU A 188 8.58 10.00 -30.00
N TYR A 189 7.62 10.42 -29.19
CA TYR A 189 7.25 11.83 -29.06
C TYR A 189 7.74 12.36 -27.71
N SER A 190 7.93 13.67 -27.65
CA SER A 190 8.45 14.30 -26.44
C SER A 190 7.89 15.71 -26.32
N VAL A 191 7.85 16.20 -25.09
CA VAL A 191 7.32 17.52 -24.79
C VAL A 191 8.24 18.20 -23.78
N GLU A 192 8.45 19.50 -23.97
CA GLU A 192 9.16 20.33 -23.00
C GLU A 192 8.13 21.06 -22.16
N CYS A 193 8.30 21.03 -20.84
CA CYS A 193 7.40 21.69 -19.92
C CYS A 193 8.19 22.51 -18.91
N GLN A 194 7.56 23.56 -18.41
CA GLN A 194 8.20 24.50 -17.50
C GLN A 194 7.16 24.99 -16.49
N GLU A 195 7.51 24.95 -15.22
CA GLU A 195 6.66 25.51 -14.18
C GLU A 195 6.74 27.03 -14.22
N ASP A 196 5.59 27.70 -14.25
CA ASP A 196 5.57 29.15 -14.38
C ASP A 196 6.44 29.80 -13.32
N SER A 197 6.25 29.44 -12.05
CA SER A 197 7.02 29.99 -10.94
C SER A 197 7.61 28.82 -10.16
N ALA A 198 8.88 28.53 -10.41
CA ALA A 198 9.57 27.43 -9.75
C ALA A 198 10.31 27.91 -8.50
N CYS A 199 10.57 26.97 -7.60
CA CYS A 199 11.29 27.24 -6.35
C CYS A 199 12.26 26.09 -6.13
N PRO A 200 13.37 26.07 -6.88
CA PRO A 200 14.24 24.87 -6.88
C PRO A 200 14.64 24.37 -5.50
N ALA A 201 14.77 25.25 -4.51
CA ALA A 201 15.24 24.83 -3.20
C ALA A 201 14.14 24.26 -2.31
N ALA A 202 12.88 24.48 -2.66
CA ALA A 202 11.79 24.16 -1.76
C ALA A 202 11.51 22.66 -1.70
N GLU A 203 10.75 22.27 -0.69
CA GLU A 203 10.29 20.89 -0.52
C GLU A 203 8.87 20.80 -1.04
N GLU A 204 8.70 20.10 -2.16
CA GLU A 204 7.40 20.07 -2.83
C GLU A 204 6.36 19.39 -1.95
N SER A 205 5.15 19.95 -1.96
CA SER A 205 4.01 19.37 -1.25
C SER A 205 2.95 18.82 -2.18
N LEU A 206 2.72 19.46 -3.33
CA LEU A 206 1.77 19.00 -4.32
C LEU A 206 2.48 18.53 -5.59
N PRO A 207 2.00 17.46 -6.22
CA PRO A 207 2.72 16.90 -7.37
C PRO A 207 2.34 17.55 -8.68
N ILE A 208 3.23 17.39 -9.66
CA ILE A 208 2.95 17.79 -11.04
C ILE A 208 2.01 16.76 -11.65
N GLU A 209 1.03 17.24 -12.41
CA GLU A 209 0.09 16.38 -13.12
C GLU A 209 0.27 16.60 -14.62
N VAL A 210 0.60 15.54 -15.34
CA VAL A 210 0.71 15.58 -16.80
C VAL A 210 -0.42 14.75 -17.38
N MET A 211 -1.15 15.33 -18.33
CA MET A 211 -2.32 14.70 -18.92
C MET A 211 -2.23 14.79 -20.43
N VAL A 212 -2.29 13.65 -21.11
CA VAL A 212 -2.11 13.57 -22.56
C VAL A 212 -3.36 12.92 -23.15
N ASP A 213 -4.01 13.64 -24.06
CA ASP A 213 -5.09 13.07 -24.86
C ASP A 213 -4.51 12.59 -26.18
N ALA A 214 -5.01 11.44 -26.65
CA ALA A 214 -4.56 10.86 -27.90
C ALA A 214 -5.77 10.40 -28.69
N VAL A 215 -5.78 10.72 -29.98
CA VAL A 215 -6.83 10.29 -30.89
C VAL A 215 -6.17 9.62 -32.08
N HIS A 216 -6.69 8.44 -32.46
CA HIS A 216 -6.21 7.71 -33.61
C HIS A 216 -7.44 7.29 -34.41
N LYS A 217 -7.65 7.94 -35.56
CA LYS A 217 -8.87 7.73 -36.32
C LYS A 217 -10.06 8.11 -35.45
N LEU A 218 -10.90 7.14 -35.07
CA LEU A 218 -12.06 7.40 -34.24
C LEU A 218 -11.88 6.90 -32.81
N LYS A 219 -10.64 6.60 -32.41
CA LYS A 219 -10.35 6.00 -31.12
C LYS A 219 -9.71 7.06 -30.23
N TYR A 220 -10.43 7.46 -29.19
CA TYR A 220 -9.91 8.38 -28.19
C TYR A 220 -9.31 7.60 -27.04
N GLU A 221 -8.26 8.15 -26.45
CA GLU A 221 -7.65 7.64 -25.23
C GLU A 221 -6.95 8.78 -24.54
N ASN A 222 -6.77 8.64 -23.22
CA ASN A 222 -5.96 9.62 -22.49
C ASN A 222 -5.13 8.92 -21.43
N TYR A 223 -4.07 9.60 -21.03
CA TYR A 223 -3.08 9.06 -20.11
C TYR A 223 -2.71 10.13 -19.10
N THR A 224 -2.12 9.71 -17.98
CA THR A 224 -1.80 10.64 -16.91
C THR A 224 -0.50 10.22 -16.24
N SER A 225 0.05 11.13 -15.44
CA SER A 225 1.29 10.86 -14.72
C SER A 225 1.45 11.89 -13.62
N SER A 226 1.71 11.43 -12.40
CA SER A 226 1.94 12.28 -11.24
C SER A 226 3.34 12.03 -10.70
N PHE A 227 3.99 13.09 -10.25
CA PHE A 227 5.35 12.96 -9.75
C PHE A 227 5.79 14.25 -9.09
N PHE A 228 6.71 14.13 -8.15
CA PHE A 228 7.48 15.26 -7.66
C PHE A 228 8.76 15.38 -8.47
N ILE A 229 9.18 16.62 -8.75
CA ILE A 229 10.41 16.82 -9.50
C ILE A 229 11.54 16.01 -8.90
N ARG A 230 11.61 15.97 -7.57
CA ARG A 230 12.70 15.27 -6.90
C ARG A 230 12.72 13.79 -7.25
N ASP A 231 11.57 13.22 -7.61
CA ASP A 231 11.53 11.79 -7.92
C ASP A 231 11.99 11.49 -9.34
N ILE A 232 11.79 12.42 -10.28
CA ILE A 232 12.09 12.19 -11.68
C ILE A 232 13.42 12.81 -12.10
N ILE A 233 14.25 13.21 -11.14
CA ILE A 233 15.48 13.92 -11.46
C ILE A 233 16.54 12.92 -11.91
N LYS A 234 17.17 13.21 -13.04
CA LYS A 234 18.22 12.37 -13.59
C LYS A 234 19.33 13.27 -14.12
N PRO A 235 20.36 13.54 -13.29
CA PRO A 235 21.41 14.46 -13.73
C PRO A 235 22.11 13.93 -14.98
N ASP A 236 22.66 14.87 -15.76
CA ASP A 236 23.41 14.47 -16.94
C ASP A 236 24.72 13.79 -16.51
N PRO A 237 25.36 13.07 -17.43
CA PRO A 237 26.54 12.28 -17.05
C PRO A 237 27.66 13.18 -16.54
N PRO A 238 28.59 12.63 -15.76
CA PRO A 238 29.73 13.43 -15.31
C PRO A 238 30.46 14.04 -16.50
N LYS A 239 30.99 15.25 -16.28
CA LYS A 239 31.61 16.04 -17.34
C LYS A 239 33.13 15.94 -17.25
N ASN A 240 33.78 15.94 -18.41
CA ASN A 240 35.23 16.00 -18.50
C ASN A 240 35.87 14.86 -17.72
N LEU A 241 35.54 13.64 -18.10
CA LEU A 241 36.12 12.45 -17.48
C LEU A 241 37.49 12.19 -18.09
N GLN A 242 38.50 12.00 -17.23
CA GLN A 242 39.86 11.85 -17.71
C GLN A 242 40.64 10.94 -16.76
N LEU A 243 41.78 10.45 -17.26
CA LEU A 243 42.65 9.54 -16.53
C LEU A 243 44.06 10.10 -16.53
N LYS A 244 44.90 9.52 -15.66
CA LYS A 244 46.33 9.81 -15.68
C LYS A 244 47.08 8.76 -14.88
N PRO A 245 48.16 8.18 -15.41
CA PRO A 245 48.87 7.13 -14.68
C PRO A 245 49.41 7.62 -13.34
N LEU A 246 49.75 6.66 -12.49
CA LEU A 246 50.35 6.91 -11.18
C LEU A 246 51.71 6.23 -11.10
N LYS A 247 52.34 6.34 -9.93
CA LYS A 247 53.68 5.83 -9.74
C LYS A 247 53.67 4.34 -9.47
N ASN A 248 54.50 3.59 -10.20
CA ASN A 248 54.69 2.17 -9.97
C ASN A 248 53.47 1.35 -10.36
N SER A 249 52.75 0.82 -9.38
CA SER A 249 51.65 -0.10 -9.64
C SER A 249 50.68 0.51 -10.65
N ARG A 250 50.04 -0.37 -11.42
CA ARG A 250 49.19 0.05 -12.54
C ARG A 250 47.85 0.58 -12.01
N GLN A 251 47.92 1.75 -11.41
CA GLN A 251 46.75 2.47 -10.93
C GLN A 251 46.52 3.70 -11.79
N VAL A 252 45.31 4.26 -11.66
CA VAL A 252 44.91 5.43 -12.42
C VAL A 252 44.12 6.36 -11.51
N GLU A 253 44.21 7.65 -11.78
CA GLU A 253 43.39 8.66 -11.11
C GLU A 253 42.29 9.10 -12.07
N VAL A 254 41.05 8.83 -11.70
CA VAL A 254 39.89 9.25 -12.48
C VAL A 254 39.45 10.62 -11.97
N SER A 255 39.19 11.54 -12.89
CA SER A 255 38.78 12.89 -12.54
C SER A 255 37.63 13.31 -13.44
N TRP A 256 36.65 14.02 -12.85
CA TRP A 256 35.48 14.47 -13.58
C TRP A 256 34.95 15.74 -12.92
N GLU A 257 33.92 16.32 -13.53
CA GLU A 257 33.30 17.55 -13.05
C GLU A 257 31.79 17.39 -13.07
N TYR A 258 31.11 18.35 -12.46
CA TYR A 258 29.66 18.38 -12.48
C TYR A 258 29.16 18.75 -13.89
N PRO A 259 28.03 18.21 -14.31
CA PRO A 259 27.50 18.56 -15.64
C PRO A 259 26.92 19.97 -15.65
N ASP A 260 26.98 20.60 -16.82
CA ASP A 260 26.52 21.98 -16.95
C ASP A 260 25.04 22.11 -16.60
N THR A 261 24.21 21.18 -17.09
CA THR A 261 22.78 21.30 -16.88
C THR A 261 22.37 21.18 -15.42
N TRP A 262 23.26 20.69 -14.56
CA TRP A 262 22.90 20.48 -13.17
C TRP A 262 22.60 21.81 -12.48
N SER A 263 21.76 21.73 -11.43
CA SER A 263 21.44 22.92 -10.67
C SER A 263 22.69 23.50 -10.03
N THR A 264 22.60 24.77 -9.65
CA THR A 264 23.71 25.53 -9.11
C THR A 264 23.18 26.41 -7.98
N PRO A 265 24.00 26.65 -6.93
CA PRO A 265 25.39 26.23 -6.71
C PRO A 265 25.55 24.75 -6.37
N HIS A 266 26.74 24.21 -6.66
CA HIS A 266 27.04 22.81 -6.38
C HIS A 266 27.31 22.56 -4.90
N SER A 267 27.60 23.61 -4.12
CA SER A 267 27.75 23.44 -2.68
C SER A 267 26.42 23.18 -2.00
N TYR A 268 25.31 23.50 -2.66
CA TYR A 268 23.97 23.26 -2.15
C TYR A 268 23.32 22.04 -2.79
N PHE A 269 23.42 21.91 -4.11
CA PHE A 269 22.91 20.75 -4.84
C PHE A 269 24.08 19.81 -5.10
N SER A 270 24.38 18.99 -4.08
CA SER A 270 25.53 18.10 -4.14
C SER A 270 25.18 16.82 -4.87
N LEU A 271 26.22 16.15 -5.39
CA LEU A 271 26.09 14.91 -6.13
C LEU A 271 26.94 13.81 -5.50
N THR A 272 26.52 12.57 -5.73
CA THR A 272 27.32 11.39 -5.42
C THR A 272 27.67 10.69 -6.73
N PHE A 273 28.77 9.96 -6.72
CA PHE A 273 29.29 9.33 -7.92
C PHE A 273 29.61 7.87 -7.68
N CYS A 274 29.46 7.07 -8.72
CA CYS A 274 29.80 5.65 -8.71
C CYS A 274 30.81 5.39 -9.82
N VAL A 275 31.91 4.74 -9.47
CA VAL A 275 33.01 4.47 -10.39
C VAL A 275 33.23 2.97 -10.47
N GLN A 276 33.45 2.45 -11.68
CA GLN A 276 33.66 1.02 -11.84
C GLN A 276 34.59 0.74 -13.00
N VAL A 277 35.44 -0.27 -12.83
CA VAL A 277 36.21 -0.87 -13.91
C VAL A 277 35.37 -2.00 -14.48
N GLN A 278 35.55 -2.29 -15.78
CA GLN A 278 34.84 -3.41 -16.38
C GLN A 278 35.43 -3.81 -17.72
N GLY A 279 35.95 -5.03 -17.81
CA GLY A 279 36.45 -5.58 -19.04
C GLY A 279 35.42 -6.46 -19.73
N LYS A 280 35.60 -6.65 -21.03
CA LYS A 280 34.68 -7.46 -21.82
C LYS A 280 33.26 -6.91 -21.74
N ARG A 283 32.16 -10.93 -13.99
CA ARG A 283 31.58 -10.79 -12.65
C ARG A 283 32.10 -9.53 -11.96
N GLU A 284 31.86 -8.38 -12.59
CA GLU A 284 32.34 -7.10 -12.05
C GLU A 284 31.30 -6.51 -11.09
N LYS A 285 31.06 -7.25 -10.01
CA LYS A 285 30.17 -6.80 -8.95
C LYS A 285 30.91 -6.07 -7.85
N LYS A 286 32.24 -6.20 -7.79
CA LYS A 286 33.05 -5.56 -6.76
C LYS A 286 33.85 -4.37 -7.29
N ASP A 287 33.85 -4.14 -8.60
CA ASP A 287 34.63 -3.04 -9.17
C ASP A 287 34.04 -1.67 -8.87
N ARG A 288 32.84 -1.62 -8.28
CA ARG A 288 32.18 -0.34 -8.02
C ARG A 288 32.65 0.26 -6.70
N VAL A 289 32.87 1.58 -6.72
CA VAL A 289 33.20 2.34 -5.52
C VAL A 289 32.44 3.65 -5.58
N PHE A 290 31.95 4.10 -4.41
CA PHE A 290 31.14 5.30 -4.32
C PHE A 290 31.92 6.40 -3.59
N THR A 291 31.63 7.64 -3.94
CA THR A 291 32.35 8.77 -3.36
C THR A 291 31.60 10.06 -3.65
N ASP A 292 31.80 11.05 -2.78
CA ASP A 292 31.28 12.39 -3.01
C ASP A 292 32.32 13.34 -3.58
N LYS A 293 33.60 12.95 -3.59
CA LYS A 293 34.64 13.75 -4.20
C LYS A 293 34.63 13.56 -5.71
N THR A 294 35.23 14.53 -6.41
CA THR A 294 35.18 14.56 -7.87
C THR A 294 36.37 13.87 -8.53
N SER A 295 36.94 12.86 -7.87
CA SER A 295 38.00 12.05 -8.48
C SER A 295 38.26 10.87 -7.58
N ALA A 296 38.79 9.80 -8.18
CA ALA A 296 38.98 8.54 -7.46
C ALA A 296 40.23 7.84 -7.97
N THR A 297 40.61 6.78 -7.28
CA THR A 297 41.77 5.97 -7.63
C THR A 297 41.30 4.56 -7.91
N VAL A 298 41.72 4.00 -9.05
CA VAL A 298 41.28 2.68 -9.49
C VAL A 298 42.45 1.95 -10.14
N ILE A 299 42.22 0.67 -10.44
CA ILE A 299 43.22 -0.19 -11.06
C ILE A 299 42.73 -0.54 -12.46
N CYS A 300 43.60 -0.39 -13.45
CA CYS A 300 43.27 -0.65 -14.83
C CYS A 300 43.82 -2.00 -15.29
N ARG A 301 43.14 -2.59 -16.27
CA ARG A 301 43.56 -3.84 -16.88
C ARG A 301 43.48 -3.70 -18.39
N LYS A 302 44.05 -4.67 -19.09
CA LYS A 302 44.12 -4.61 -20.55
C LYS A 302 42.72 -4.47 -21.15
N ASN A 303 42.58 -3.54 -22.10
CA ASN A 303 41.35 -3.33 -22.86
C ASN A 303 40.12 -3.16 -21.98
N ALA A 304 40.30 -2.83 -20.71
CA ALA A 304 39.18 -2.53 -19.83
C ALA A 304 38.91 -1.02 -19.84
N SER A 305 37.71 -0.65 -19.39
CA SER A 305 37.27 0.74 -19.43
C SER A 305 36.81 1.18 -18.05
N ILE A 306 36.93 2.48 -17.81
CA ILE A 306 36.48 3.11 -16.57
C ILE A 306 35.27 3.98 -16.90
N SER A 307 34.23 3.89 -16.07
CA SER A 307 33.01 4.64 -16.31
C SER A 307 32.41 5.09 -14.98
N VAL A 308 31.72 6.22 -15.01
CA VAL A 308 31.25 6.89 -13.79
C VAL A 308 29.85 7.44 -14.02
N ARG A 309 29.01 7.35 -12.99
CA ARG A 309 27.66 7.92 -12.98
C ARG A 309 27.56 8.99 -11.89
N ALA A 310 26.40 9.64 -11.85
CA ALA A 310 26.15 10.69 -10.87
C ALA A 310 24.72 10.60 -10.37
N GLN A 311 24.52 10.84 -9.08
CA GLN A 311 23.21 10.80 -8.44
C GLN A 311 23.15 11.90 -7.39
N ASP A 312 21.94 12.41 -7.16
CA ASP A 312 21.75 13.40 -6.12
C ASP A 312 22.19 12.83 -4.77
N ARG A 313 23.06 13.57 -4.08
CA ARG A 313 23.70 13.02 -2.88
C ARG A 313 22.68 12.80 -1.76
N TYR A 314 21.70 13.68 -1.62
CA TYR A 314 20.84 13.70 -0.45
C TYR A 314 19.44 13.13 -0.71
N TYR A 315 19.19 12.60 -1.90
CA TYR A 315 17.88 12.03 -2.21
C TYR A 315 18.06 11.03 -3.34
N SER A 316 17.70 9.77 -3.08
CA SER A 316 17.96 8.69 -4.02
C SER A 316 16.98 8.77 -5.19
N SER A 317 17.22 9.75 -6.06
CA SER A 317 16.54 9.82 -7.35
C SER A 317 17.29 8.93 -8.33
N SER A 318 17.13 9.17 -9.63
CA SER A 318 17.71 8.29 -10.64
C SER A 318 19.19 8.59 -10.84
N TRP A 319 19.93 7.56 -11.22
CA TRP A 319 21.32 7.72 -11.63
C TRP A 319 21.38 8.27 -13.05
N SER A 320 22.46 9.01 -13.32
CA SER A 320 22.73 9.48 -14.67
C SER A 320 23.13 8.32 -15.56
N GLU A 321 23.35 8.61 -16.84
CA GLU A 321 23.97 7.65 -17.72
C GLU A 321 25.47 7.57 -17.42
N TRP A 322 26.13 6.64 -18.09
CA TRP A 322 27.56 6.43 -17.86
C TRP A 322 28.39 7.40 -18.69
N ALA A 323 29.55 7.77 -18.13
CA ALA A 323 30.60 8.47 -18.85
C ALA A 323 31.84 7.59 -18.78
N SER A 324 32.34 7.17 -19.94
CA SER A 324 33.34 6.11 -20.00
C SER A 324 34.61 6.60 -20.70
N VAL A 325 35.72 5.96 -20.34
CA VAL A 325 37.02 6.18 -20.98
C VAL A 325 37.75 4.85 -21.06
N PRO A 326 38.47 4.55 -22.14
CA PRO A 326 39.30 3.35 -22.14
C PRO A 326 40.50 3.50 -21.22
N CYS A 327 40.95 2.38 -20.67
CA CYS A 327 42.10 2.39 -19.75
C CYS A 327 43.36 2.84 -20.48
N PRO B 28 25.28 28.81 14.88
CA PRO B 28 25.21 27.34 14.86
C PRO B 28 26.51 26.70 14.36
N ALA B 29 26.70 25.41 14.68
CA ALA B 29 27.87 24.66 14.23
C ALA B 29 27.50 23.97 12.92
N TRP B 30 27.85 24.61 11.79
CA TRP B 30 27.44 24.09 10.49
C TRP B 30 28.08 22.74 10.20
N THR B 31 29.36 22.57 10.54
CA THR B 31 30.04 21.31 10.26
C THR B 31 29.46 20.16 11.08
N GLN B 32 28.95 20.45 12.27
CA GLN B 32 28.35 19.40 13.09
C GLN B 32 26.95 19.04 12.58
N CYS B 33 26.17 20.04 12.18
CA CYS B 33 24.85 19.76 11.62
C CYS B 33 24.95 19.12 10.23
N GLN B 34 25.99 19.46 9.48
CA GLN B 34 26.15 18.91 8.14
C GLN B 34 26.51 17.43 8.18
N GLN B 35 27.41 17.05 9.10
CA GLN B 35 27.87 15.67 9.15
C GLN B 35 26.76 14.72 9.63
N LEU B 36 25.91 15.19 10.54
CA LEU B 36 24.83 14.35 11.05
C LEU B 36 23.53 14.52 10.28
N SER B 37 23.38 15.62 9.51
CA SER B 37 22.24 15.72 8.62
C SER B 37 22.41 14.83 7.40
N GLN B 38 23.65 14.67 6.91
CA GLN B 38 23.92 13.67 5.89
C GLN B 38 23.85 12.26 6.45
N LYS B 39 24.02 12.11 7.77
CA LYS B 39 23.81 10.81 8.40
C LYS B 39 22.33 10.44 8.41
N LEU B 40 21.45 11.43 8.55
CA LEU B 40 20.01 11.16 8.48
C LEU B 40 19.62 10.68 7.10
N CYS B 41 20.12 11.33 6.05
CA CYS B 41 19.79 10.93 4.69
C CYS B 41 20.11 9.46 4.46
N THR B 42 21.32 9.04 4.83
CA THR B 42 21.70 7.64 4.66
C THR B 42 20.76 6.73 5.44
N LEU B 43 20.42 7.11 6.68
CA LEU B 43 19.52 6.29 7.49
C LEU B 43 18.11 6.29 6.92
N ALA B 44 17.62 7.45 6.46
CA ALA B 44 16.24 7.56 6.01
C ALA B 44 15.97 6.66 4.81
N TRP B 45 17.00 6.37 4.01
CA TRP B 45 16.83 5.55 2.81
C TRP B 45 17.29 4.11 2.99
N SER B 46 18.07 3.81 4.03
CA SER B 46 18.44 2.43 4.30
C SER B 46 17.22 1.61 4.68
N ALA B 47 16.29 2.20 5.42
CA ALA B 47 15.04 1.52 5.75
C ALA B 47 14.21 1.28 4.48
N HIS B 48 14.09 2.30 3.65
CA HIS B 48 13.41 2.18 2.36
C HIS B 48 14.40 1.91 1.24
N MET B 54 2.73 -0.22 -0.14
CA MET B 54 3.24 0.35 -1.38
C MET B 54 2.25 0.13 -2.53
N ASP B 55 2.23 1.08 -3.47
CA ASP B 55 1.31 1.04 -4.61
C ASP B 55 -0.13 0.88 -4.13
N LEU B 56 -0.51 1.72 -3.17
CA LEU B 56 -1.88 1.81 -2.69
C LEU B 56 -2.23 3.27 -2.54
N ARG B 57 -3.36 3.69 -3.13
CA ARG B 57 -3.76 5.09 -3.13
C ARG B 57 -5.00 5.29 -2.26
N GLU B 58 -5.32 6.55 -2.02
CA GLU B 58 -6.46 6.92 -1.19
C GLU B 58 -7.11 8.17 -1.74
N GLU B 59 -8.42 8.28 -1.55
CA GLU B 59 -9.14 9.50 -1.90
C GLU B 59 -8.88 10.58 -0.85
N GLY B 60 -8.41 11.73 -1.30
CA GLY B 60 -8.11 12.82 -0.38
C GLY B 60 -7.76 14.11 -1.09
N ASP B 67 -1.09 20.63 7.00
CA ASP B 67 -0.98 20.15 8.38
C ASP B 67 0.45 19.79 8.73
N VAL B 68 1.10 19.05 7.83
CA VAL B 68 2.49 18.63 8.02
C VAL B 68 3.42 19.76 7.62
N PRO B 69 4.46 20.08 8.41
CA PRO B 69 5.36 21.18 8.02
C PRO B 69 6.24 20.80 6.84
N HIS B 70 6.13 21.57 5.76
CA HIS B 70 7.03 21.49 4.63
C HIS B 70 7.84 22.78 4.56
N ILE B 71 9.12 22.67 4.19
CA ILE B 71 9.93 23.86 3.93
C ILE B 71 9.38 24.51 2.67
N GLN B 72 8.32 25.29 2.81
CA GLN B 72 7.65 25.87 1.67
C GLN B 72 8.43 27.07 1.13
N CYS B 73 8.16 27.41 -0.12
CA CYS B 73 8.87 28.50 -0.77
C CYS B 73 8.63 29.80 -0.02
N GLY B 74 9.68 30.62 0.06
CA GLY B 74 9.63 31.86 0.82
C GLY B 74 10.11 31.73 2.25
N ASP B 75 10.46 30.53 2.70
CA ASP B 75 10.97 30.31 4.04
C ASP B 75 12.48 30.52 4.13
N GLY B 76 13.09 31.09 3.10
CA GLY B 76 14.48 31.49 3.16
C GLY B 76 15.48 30.37 3.30
N CYS B 77 15.19 29.20 2.72
CA CYS B 77 16.11 28.07 2.77
C CYS B 77 16.86 27.86 1.47
N ASP B 78 16.62 28.68 0.46
CA ASP B 78 17.42 28.64 -0.76
C ASP B 78 18.77 29.30 -0.48
N PRO B 79 19.75 29.12 -1.37
CA PRO B 79 21.05 29.77 -1.15
C PRO B 79 20.94 31.26 -0.89
N GLN B 80 20.10 31.97 -1.66
CA GLN B 80 19.95 33.41 -1.46
C GLN B 80 19.42 33.72 -0.06
N GLY B 81 18.45 32.93 0.41
CA GLY B 81 17.84 33.21 1.69
C GLY B 81 18.82 33.09 2.86
N LEU B 82 19.87 32.29 2.70
CA LEU B 82 20.82 32.09 3.79
C LEU B 82 21.80 33.24 3.92
N ARG B 83 22.14 33.91 2.82
CA ARG B 83 22.98 35.09 2.92
C ARG B 83 22.22 36.26 3.53
N ASP B 84 20.94 36.40 3.18
CA ASP B 84 20.11 37.42 3.80
C ASP B 84 19.92 37.14 5.29
N ASN B 85 19.52 35.91 5.62
CA ASN B 85 19.26 35.56 7.01
C ASN B 85 19.05 34.06 7.16
N SER B 86 19.93 33.39 7.89
CA SER B 86 19.77 31.96 8.17
C SER B 86 18.72 31.71 9.24
N GLN B 87 18.35 32.72 10.02
CA GLN B 87 17.41 32.51 11.12
C GLN B 87 16.05 32.06 10.60
N PHE B 88 15.55 32.68 9.53
CA PHE B 88 14.26 32.29 8.98
C PHE B 88 14.23 30.82 8.64
N CYS B 89 15.30 30.30 8.04
CA CYS B 89 15.32 28.90 7.61
C CYS B 89 15.51 27.97 8.80
N LEU B 90 16.46 28.28 9.69
CA LEU B 90 16.70 27.41 10.84
C LEU B 90 15.46 27.29 11.70
N GLN B 91 14.58 28.29 11.68
CA GLN B 91 13.33 28.21 12.42
C GLN B 91 12.43 27.11 11.88
N ARG B 92 12.25 27.06 10.56
CA ARG B 92 11.37 26.08 9.96
C ARG B 92 11.96 24.68 10.06
N ILE B 93 13.27 24.55 9.89
CA ILE B 93 13.91 23.24 10.01
C ILE B 93 13.76 22.70 11.42
N HIS B 94 13.89 23.58 12.43
CA HIS B 94 13.70 23.16 13.81
C HIS B 94 12.29 22.64 14.03
N GLN B 95 11.28 23.41 13.60
CA GLN B 95 9.89 23.01 13.77
C GLN B 95 9.63 21.64 13.14
N GLY B 96 10.31 21.33 12.03
CA GLY B 96 10.11 20.08 11.34
C GLY B 96 10.77 18.91 12.03
N LEU B 97 11.95 19.14 12.61
CA LEU B 97 12.67 18.06 13.28
C LEU B 97 11.95 17.59 14.52
N ILE B 98 11.24 18.48 15.22
CA ILE B 98 10.49 18.07 16.40
C ILE B 98 9.16 17.44 16.01
N PHE B 99 8.54 17.92 14.93
CA PHE B 99 7.27 17.33 14.48
C PHE B 99 7.47 15.89 14.05
N TYR B 100 8.48 15.63 13.22
CA TYR B 100 8.74 14.26 12.78
C TYR B 100 9.16 13.37 13.94
N GLU B 101 10.04 13.88 14.82
CA GLU B 101 10.45 13.10 15.98
C GLU B 101 9.24 12.71 16.83
N LYS B 102 8.24 13.59 16.90
CA LYS B 102 7.01 13.26 17.61
C LYS B 102 6.33 12.05 17.00
N LEU B 103 6.18 12.03 15.67
CA LEU B 103 5.55 10.90 14.99
C LEU B 103 6.37 9.64 15.17
N LEU B 104 7.68 9.72 14.95
CA LEU B 104 8.54 8.54 15.07
C LEU B 104 8.54 7.95 16.47
N GLY B 105 8.22 8.75 17.48
CA GLY B 105 8.11 8.28 18.85
C GLY B 105 6.70 8.02 19.32
N SER B 106 5.72 8.03 18.43
CA SER B 106 4.33 7.82 18.80
C SER B 106 3.99 6.33 18.67
N ASP B 107 2.71 6.00 18.86
CA ASP B 107 2.25 4.62 18.75
C ASP B 107 2.32 4.09 17.33
N ILE B 108 2.51 4.94 16.33
CA ILE B 108 2.51 4.49 14.94
C ILE B 108 3.71 3.59 14.68
N PHE B 109 4.87 3.94 15.25
CA PHE B 109 6.09 3.17 15.02
C PHE B 109 6.44 2.26 16.19
N THR B 110 6.08 2.63 17.41
CA THR B 110 6.40 1.79 18.58
C THR B 110 5.45 0.61 18.70
N GLY B 111 4.16 0.84 18.46
CA GLY B 111 3.15 -0.17 18.70
C GLY B 111 3.17 -1.29 17.68
N GLU B 112 2.09 -2.08 17.70
CA GLU B 112 1.95 -3.26 16.87
C GLU B 112 1.41 -2.88 15.48
N PRO B 113 1.91 -3.51 14.40
CA PRO B 113 2.96 -4.54 14.36
C PRO B 113 4.33 -3.99 14.72
N SER B 114 5.17 -4.84 15.33
CA SER B 114 6.47 -4.41 15.80
C SER B 114 7.45 -4.24 14.64
N LEU B 115 8.46 -3.39 14.87
CA LEU B 115 9.48 -3.16 13.87
C LEU B 115 10.51 -4.30 13.89
N LEU B 116 11.09 -4.56 12.72
CA LEU B 116 12.08 -5.62 12.61
C LEU B 116 13.32 -5.27 13.43
N PRO B 117 14.16 -6.26 13.75
CA PRO B 117 15.37 -5.96 14.52
C PRO B 117 16.35 -5.07 13.77
N ASP B 118 16.54 -5.31 12.47
CA ASP B 118 17.46 -4.50 11.68
C ASP B 118 16.87 -3.15 11.28
N SER B 119 15.57 -2.96 11.44
CA SER B 119 14.95 -1.70 11.05
C SER B 119 15.60 -0.54 11.79
N PRO B 120 15.91 0.58 11.11
CA PRO B 120 16.66 1.65 11.77
C PRO B 120 15.81 2.81 12.26
N VAL B 121 14.49 2.61 12.40
CA VAL B 121 13.63 3.69 12.83
C VAL B 121 14.13 4.28 14.14
N GLY B 122 14.64 3.43 15.02
CA GLY B 122 15.16 3.92 16.29
C GLY B 122 16.33 4.87 16.13
N GLN B 123 17.25 4.54 15.22
CA GLN B 123 18.38 5.42 14.97
C GLN B 123 17.93 6.78 14.46
N LEU B 124 16.97 6.80 13.53
CA LEU B 124 16.42 8.06 13.05
C LEU B 124 15.89 8.90 14.21
N HIS B 125 15.03 8.29 15.04
CA HIS B 125 14.50 9.01 16.19
C HIS B 125 15.62 9.50 17.10
N ALA B 126 16.67 8.70 17.27
CA ALA B 126 17.79 9.11 18.10
C ALA B 126 18.51 10.32 17.49
N SER B 127 18.59 10.37 16.16
CA SER B 127 19.33 11.43 15.49
C SER B 127 18.48 12.67 15.22
N LEU B 128 17.17 12.51 15.03
CA LEU B 128 16.31 13.68 14.87
C LEU B 128 16.37 14.58 16.10
N LEU B 129 16.32 13.98 17.29
CA LEU B 129 16.42 14.77 18.52
C LEU B 129 17.84 15.27 18.73
N GLY B 130 18.84 14.54 18.24
CA GLY B 130 20.21 14.99 18.38
C GLY B 130 20.48 16.26 17.60
N LEU B 131 19.91 16.38 16.40
CA LEU B 131 20.09 17.58 15.59
C LEU B 131 19.21 18.73 16.05
N SER B 132 18.11 18.46 16.76
CA SER B 132 17.27 19.54 17.27
C SER B 132 17.91 20.24 18.45
N GLN B 133 18.74 19.52 19.23
CA GLN B 133 19.45 20.14 20.34
C GLN B 133 20.55 21.07 19.84
N LEU B 134 21.17 20.75 18.71
CA LEU B 134 22.21 21.59 18.12
C LEU B 134 21.64 22.86 17.47
N LEU B 135 20.33 23.01 17.42
CA LEU B 135 19.70 24.18 16.80
C LEU B 135 19.34 25.24 17.84
N GLN B 136 18.46 24.90 18.79
CA GLN B 136 17.96 25.86 19.77
C GLN B 136 17.73 25.15 21.09
N PRO B 137 18.74 25.15 21.98
CA PRO B 137 18.56 24.58 23.33
C PRO B 137 17.41 25.20 24.10
N SER B 151 -6.21 10.81 16.58
CA SER B 151 -4.76 10.93 16.68
C SER B 151 -4.09 9.57 16.87
N PRO B 152 -4.51 8.79 17.88
CA PRO B 152 -3.91 7.46 18.07
C PRO B 152 -4.32 6.52 16.95
N SER B 153 -3.36 5.74 16.47
CA SER B 153 -3.52 4.94 15.27
C SER B 153 -3.90 3.50 15.59
N GLN B 154 -4.76 2.93 14.75
CA GLN B 154 -5.12 1.53 14.84
C GLN B 154 -4.04 0.67 14.18
N PRO B 155 -3.80 -0.54 14.71
CA PRO B 155 -2.71 -1.36 14.16
C PRO B 155 -2.73 -1.50 12.64
N TRP B 156 -3.90 -1.66 12.03
CA TRP B 156 -3.94 -1.95 10.60
C TRP B 156 -3.47 -0.76 9.76
N GLN B 157 -3.57 0.46 10.29
CA GLN B 157 -3.16 1.64 9.54
C GLN B 157 -1.65 1.81 9.50
N ARG B 158 -0.93 1.29 10.49
CA ARG B 158 0.42 1.76 10.78
C ARG B 158 1.40 1.43 9.65
N LEU B 159 1.31 0.24 9.07
CA LEU B 159 2.20 -0.08 7.95
C LEU B 159 2.03 0.92 6.81
N LEU B 160 0.80 1.34 6.56
CA LEU B 160 0.56 2.35 5.53
C LEU B 160 1.07 3.72 6.00
N LEU B 161 0.88 4.04 7.28
CA LEU B 161 1.36 5.32 7.80
C LEU B 161 2.88 5.36 7.85
N ARG B 162 3.52 4.28 8.30
CA ARG B 162 4.98 4.25 8.34
C ARG B 162 5.57 4.51 6.96
N PHE B 163 5.01 3.89 5.92
CA PHE B 163 5.49 4.15 4.58
C PHE B 163 5.26 5.61 4.18
N LYS B 164 4.07 6.13 4.46
CA LYS B 164 3.79 7.54 4.14
C LYS B 164 4.80 8.46 4.81
N ILE B 165 4.93 8.34 6.13
CA ILE B 165 5.75 9.28 6.90
C ILE B 165 7.19 9.26 6.40
N LEU B 166 7.75 8.07 6.24
CA LEU B 166 9.14 7.97 5.79
C LEU B 166 9.32 8.48 4.37
N ARG B 167 8.28 8.38 3.54
CA ARG B 167 8.37 8.93 2.19
C ARG B 167 8.53 10.44 2.24
N SER B 168 7.80 11.09 3.15
CA SER B 168 7.86 12.55 3.26
C SER B 168 9.09 13.00 4.04
N LEU B 169 9.54 12.19 5.01
CA LEU B 169 10.74 12.56 5.76
C LEU B 169 11.95 12.67 4.85
N GLN B 170 12.10 11.74 3.91
CA GLN B 170 13.26 11.76 3.02
C GLN B 170 13.37 13.08 2.28
N ALA B 171 12.23 13.64 1.85
CA ALA B 171 12.27 14.91 1.13
C ALA B 171 12.61 16.07 2.06
N PHE B 172 12.18 16.00 3.31
CA PHE B 172 12.53 17.04 4.29
C PHE B 172 14.00 16.97 4.65
N VAL B 173 14.47 15.78 5.02
CA VAL B 173 15.87 15.60 5.42
C VAL B 173 16.82 15.93 4.27
N ALA B 174 16.34 15.80 3.03
CA ALA B 174 17.20 16.07 1.89
C ALA B 174 17.57 17.55 1.82
N VAL B 175 16.56 18.43 1.75
CA VAL B 175 16.83 19.86 1.66
C VAL B 175 17.60 20.34 2.87
N ALA B 176 17.32 19.78 4.05
CA ALA B 176 18.02 20.18 5.26
C ALA B 176 19.51 19.88 5.17
N ALA B 177 19.86 18.72 4.62
CA ALA B 177 21.26 18.40 4.40
C ALA B 177 21.89 19.34 3.39
N ARG B 178 21.09 19.97 2.52
CA ARG B 178 21.64 20.88 1.53
C ARG B 178 22.00 22.23 2.14
N VAL B 179 21.19 22.73 3.08
CA VAL B 179 21.50 24.02 3.69
C VAL B 179 22.71 23.89 4.60
N PHE B 180 22.81 22.80 5.35
CA PHE B 180 23.98 22.57 6.19
C PHE B 180 25.22 22.34 5.34
N ALA B 181 25.07 21.68 4.19
CA ALA B 181 26.20 21.54 3.27
C ALA B 181 26.58 22.89 2.67
N HIS B 182 25.60 23.73 2.39
CA HIS B 182 25.88 25.05 1.84
C HIS B 182 26.41 25.99 2.92
N GLY B 183 25.87 25.90 4.13
CA GLY B 183 26.34 26.76 5.21
C GLY B 183 27.75 26.44 5.64
N ALA B 184 28.06 25.15 5.82
CA ALA B 184 29.42 24.76 6.17
C ALA B 184 30.43 25.14 5.11
N ALA B 185 29.99 25.34 3.87
CA ALA B 185 30.89 25.63 2.76
C ALA B 185 30.98 27.11 2.43
N THR B 186 30.10 27.94 2.99
CA THR B 186 30.12 29.37 2.68
C THR B 186 30.10 30.21 3.96
N LEU B 187 29.18 29.89 4.87
CA LEU B 187 28.96 30.69 6.07
C LEU B 187 29.53 29.99 7.32
N SER B 188 30.73 29.45 7.19
CA SER B 188 31.39 28.79 8.32
C SER B 188 31.87 29.81 9.35
N GLY C 24 -4.55 12.47 4.80
CA GLY C 24 -3.31 13.10 4.35
C GLY C 24 -2.09 12.21 4.56
N ILE C 25 -1.13 12.72 5.33
CA ILE C 25 0.13 12.01 5.55
C ILE C 25 0.11 11.37 6.94
N THR C 26 -0.53 12.02 7.89
CA THR C 26 -0.60 11.54 9.26
C THR C 26 -1.90 10.80 9.56
N ASN C 27 -2.66 10.43 8.53
CA ASN C 27 -3.97 9.84 8.74
C ASN C 27 -4.39 9.09 7.48
N ILE C 28 -5.11 8.00 7.67
CA ILE C 28 -5.70 7.26 6.58
C ILE C 28 -7.04 7.88 6.24
N ASN C 29 -7.39 7.90 4.96
CA ASN C 29 -8.64 8.47 4.47
C ASN C 29 -9.45 7.35 3.84
N CYS C 30 -10.38 6.79 4.60
CA CYS C 30 -11.24 5.72 4.10
CA CYS C 30 -11.22 5.72 4.08
C CYS C 30 -12.24 6.28 3.09
N SER C 31 -12.67 5.42 2.18
CA SER C 31 -13.61 5.78 1.13
C SER C 31 -14.67 4.69 1.03
N GLY C 32 -15.32 4.42 2.15
CA GLY C 32 -16.23 3.31 2.32
C GLY C 32 -16.10 2.78 3.71
N HIS C 33 -16.73 1.63 3.97
CA HIS C 33 -16.65 1.04 5.29
C HIS C 33 -16.67 -0.47 5.19
N ILE C 34 -16.21 -1.11 6.26
CA ILE C 34 -16.08 -2.55 6.37
C ILE C 34 -16.70 -2.98 7.69
N TRP C 35 -17.39 -4.12 7.69
CA TRP C 35 -17.98 -4.64 8.92
C TRP C 35 -17.89 -6.15 8.93
N VAL C 36 -18.01 -6.72 10.13
CA VAL C 36 -17.84 -8.15 10.36
C VAL C 36 -19.12 -8.70 10.96
N GLU C 37 -19.49 -9.90 10.54
CA GLU C 37 -20.57 -10.66 11.14
C GLU C 37 -20.02 -11.97 11.68
N PRO C 38 -20.36 -12.37 12.91
CA PRO C 38 -21.26 -11.74 13.89
C PRO C 38 -20.80 -10.37 14.39
N ALA C 39 -19.50 -10.18 14.62
CA ALA C 39 -18.99 -8.93 15.16
C ALA C 39 -17.49 -8.88 14.96
N THR C 40 -16.91 -7.69 15.17
CA THR C 40 -15.47 -7.54 15.00
C THR C 40 -14.72 -8.31 16.08
N ILE C 41 -15.33 -8.50 17.25
CA ILE C 41 -14.82 -9.41 18.27
C ILE C 41 -15.77 -10.60 18.30
N PHE C 42 -15.21 -11.80 18.12
CA PHE C 42 -16.00 -13.01 18.01
C PHE C 42 -15.27 -14.15 18.70
N LYS C 43 -16.00 -15.24 18.92
CA LYS C 43 -15.41 -16.41 19.56
C LYS C 43 -14.40 -17.06 18.62
N MET C 44 -13.24 -17.40 19.14
CA MET C 44 -12.24 -18.10 18.36
C MET C 44 -12.83 -19.37 17.77
N GLY C 45 -12.42 -19.68 16.53
CA GLY C 45 -12.85 -20.90 15.88
C GLY C 45 -14.18 -20.83 15.16
N MET C 46 -14.87 -19.69 15.21
CA MET C 46 -16.17 -19.54 14.56
CA MET C 46 -16.17 -19.58 14.56
C MET C 46 -16.01 -19.18 13.08
N ASN C 47 -17.05 -19.47 12.31
CA ASN C 47 -17.15 -18.96 10.95
C ASN C 47 -17.44 -17.47 11.00
N ILE C 48 -16.82 -16.69 10.12
CA ILE C 48 -17.08 -15.26 10.06
C ILE C 48 -17.20 -14.83 8.61
N SER C 49 -17.95 -13.75 8.41
CA SER C 49 -18.12 -13.13 7.11
C SER C 49 -17.71 -11.66 7.22
N ILE C 50 -16.82 -11.23 6.34
CA ILE C 50 -16.33 -9.86 6.31
C ILE C 50 -16.93 -9.17 5.08
N TYR C 51 -17.56 -8.03 5.30
CA TYR C 51 -18.24 -7.29 4.25
C TYR C 51 -17.49 -5.99 3.96
N CYS C 52 -17.28 -5.70 2.69
CA CYS C 52 -16.57 -4.52 2.24
C CYS C 52 -17.48 -3.75 1.29
N GLN C 53 -17.85 -2.53 1.68
CA GLN C 53 -18.74 -1.69 0.89
C GLN C 53 -17.98 -0.45 0.46
N ALA C 54 -17.81 -0.28 -0.85
CA ALA C 54 -17.06 0.83 -1.40
C ALA C 54 -17.97 2.05 -1.58
N ALA C 55 -17.36 3.23 -1.49
CA ALA C 55 -18.08 4.48 -1.69
C ALA C 55 -17.14 5.50 -2.34
N ILE C 56 -16.53 5.12 -3.46
CA ILE C 56 -15.70 6.04 -4.23
C ILE C 56 -16.62 6.87 -5.13
N LYS C 57 -16.39 8.17 -5.16
CA LYS C 57 -17.13 9.03 -6.08
C LYS C 57 -16.61 8.83 -7.49
N ASN C 58 -17.51 8.55 -8.42
CA ASN C 58 -17.16 8.35 -9.83
C ASN C 58 -16.29 7.10 -10.01
N CYS C 59 -16.77 5.98 -9.47
CA CYS C 59 -16.11 4.69 -9.68
C CYS C 59 -17.01 3.54 -9.29
N GLN C 60 -17.44 2.74 -10.26
CA GLN C 60 -18.03 1.44 -9.99
C GLN C 60 -16.89 0.44 -9.90
N PRO C 61 -16.55 -0.06 -8.71
CA PRO C 61 -15.37 -0.93 -8.60
C PRO C 61 -15.44 -2.11 -9.57
N ARG C 62 -14.37 -2.28 -10.34
CA ARG C 62 -14.26 -3.45 -11.21
C ARG C 62 -14.12 -4.72 -10.38
N LYS C 63 -13.26 -4.69 -9.38
CA LYS C 63 -13.14 -5.78 -8.41
C LYS C 63 -12.95 -5.18 -7.02
N LEU C 64 -13.29 -5.99 -6.01
CA LEU C 64 -13.09 -5.62 -4.61
C LEU C 64 -12.18 -6.66 -3.97
N HIS C 65 -11.03 -6.21 -3.48
CA HIS C 65 -10.01 -7.08 -2.93
C HIS C 65 -9.98 -6.98 -1.41
N PHE C 66 -9.63 -8.09 -0.77
CA PHE C 66 -9.42 -8.13 0.67
C PHE C 66 -7.97 -8.49 0.96
N TYR C 67 -7.38 -7.82 1.95
CA TYR C 67 -6.04 -8.09 2.43
C TYR C 67 -6.11 -8.42 3.90
N LYS C 68 -5.46 -9.51 4.31
CA LYS C 68 -5.33 -9.89 5.71
C LYS C 68 -3.86 -9.84 6.07
N ASN C 69 -3.49 -8.91 6.94
CA ASN C 69 -2.10 -8.72 7.33
C ASN C 69 -1.23 -8.44 6.12
N GLY C 70 -1.78 -7.67 5.18
CA GLY C 70 -1.05 -7.25 3.99
C GLY C 70 -1.04 -8.24 2.86
N ILE C 71 -1.69 -9.38 3.00
CA ILE C 71 -1.67 -10.44 1.99
C ILE C 71 -3.04 -10.53 1.36
N LYS C 72 -3.10 -10.38 0.04
CA LYS C 72 -4.37 -10.41 -0.67
C LYS C 72 -5.01 -11.78 -0.57
N GLU C 73 -6.33 -11.80 -0.35
CA GLU C 73 -7.07 -13.04 -0.24
C GLU C 73 -7.55 -13.48 -1.62
N ARG C 74 -7.57 -14.80 -1.84
CA ARG C 74 -7.87 -15.37 -3.14
C ARG C 74 -9.03 -16.36 -3.10
N PHE C 75 -9.58 -16.67 -1.92
CA PHE C 75 -10.60 -17.68 -1.79
C PHE C 75 -11.77 -17.13 -0.98
N GLN C 76 -12.95 -17.70 -1.23
CA GLN C 76 -14.16 -17.42 -0.46
C GLN C 76 -14.65 -15.98 -0.63
N ILE C 77 -14.30 -15.32 -1.72
CA ILE C 77 -14.76 -13.95 -1.98
C ILE C 77 -15.86 -13.99 -3.03
N THR C 78 -16.99 -13.36 -2.73
CA THR C 78 -18.11 -13.28 -3.65
C THR C 78 -18.56 -11.83 -3.76
N ARG C 79 -18.75 -11.37 -5.00
CA ARG C 79 -19.20 -10.02 -5.27
C ARG C 79 -20.72 -9.98 -5.09
N ILE C 80 -21.18 -9.36 -4.01
CA ILE C 80 -22.61 -9.34 -3.71
C ILE C 80 -23.35 -8.45 -4.70
N ASN C 81 -23.06 -7.16 -4.70
CA ASN C 81 -23.67 -6.26 -5.66
C ASN C 81 -22.62 -5.23 -6.09
N LYS C 82 -23.07 -4.24 -6.86
CA LYS C 82 -22.16 -3.34 -7.57
C LYS C 82 -21.13 -2.70 -6.67
N THR C 83 -21.41 -2.60 -5.37
CA THR C 83 -20.54 -1.87 -4.45
C THR C 83 -20.06 -2.68 -3.26
N THR C 84 -20.56 -3.90 -3.07
CA THR C 84 -20.29 -4.67 -1.86
C THR C 84 -19.75 -6.05 -2.20
N ALA C 85 -18.76 -6.49 -1.43
CA ALA C 85 -18.17 -7.82 -1.58
C ALA C 85 -18.13 -8.48 -0.21
N ARG C 86 -18.08 -9.81 -0.22
CA ARG C 86 -18.14 -10.61 1.00
C ARG C 86 -16.99 -11.61 1.01
N LEU C 87 -16.17 -11.56 2.06
CA LEU C 87 -15.14 -12.55 2.32
C LEU C 87 -15.59 -13.44 3.47
N TRP C 88 -15.42 -14.75 3.31
CA TRP C 88 -15.88 -15.74 4.27
C TRP C 88 -14.70 -16.60 4.72
N TYR C 89 -14.55 -16.74 6.04
CA TYR C 89 -13.52 -17.58 6.64
C TYR C 89 -14.18 -18.69 7.45
N LYS C 90 -13.74 -19.93 7.23
CA LYS C 90 -14.17 -21.07 8.03
C LYS C 90 -13.21 -21.26 9.20
N ASN C 91 -13.78 -21.34 10.41
CA ASN C 91 -13.00 -21.58 11.62
C ASN C 91 -11.79 -20.67 11.74
N PHE C 92 -12.04 -19.41 12.10
CA PHE C 92 -10.98 -18.41 12.21
C PHE C 92 -10.27 -18.55 13.56
N LEU C 93 -8.97 -18.85 13.53
CA LEU C 93 -8.23 -19.18 14.75
C LEU C 93 -7.31 -18.06 15.24
N GLU C 94 -6.98 -17.08 14.41
CA GLU C 94 -6.09 -16.03 14.84
C GLU C 94 -6.78 -15.16 15.90
N PRO C 95 -6.09 -14.83 17.01
CA PRO C 95 -6.69 -13.92 17.99
C PRO C 95 -6.70 -12.47 17.55
N HIS C 96 -5.79 -12.07 16.67
CA HIS C 96 -5.81 -10.74 16.07
C HIS C 96 -5.58 -10.89 14.58
N ALA C 97 -5.98 -9.86 13.83
CA ALA C 97 -5.78 -9.83 12.40
C ALA C 97 -6.16 -8.46 11.87
N SER C 98 -5.32 -7.92 10.99
CA SER C 98 -5.57 -6.62 10.38
C SER C 98 -6.18 -6.83 9.00
N MET C 99 -7.41 -6.36 8.81
CA MET C 99 -8.10 -6.47 7.54
C MET C 99 -8.16 -5.09 6.88
N TYR C 100 -8.04 -5.08 5.55
CA TYR C 100 -8.45 -3.92 4.77
C TYR C 100 -8.78 -4.38 3.37
N CYS C 101 -9.67 -3.65 2.72
CA CYS C 101 -10.12 -3.99 1.37
C CYS C 101 -9.93 -2.79 0.46
N THR C 102 -9.79 -3.08 -0.84
CA THR C 102 -9.48 -2.08 -1.84
C THR C 102 -10.43 -2.23 -3.02
N ALA C 103 -10.34 -1.28 -3.94
CA ALA C 103 -11.16 -1.28 -5.14
C ALA C 103 -10.28 -1.05 -6.37
N GLU C 104 -10.60 -1.76 -7.45
CA GLU C 104 -10.00 -1.52 -8.74
C GLU C 104 -10.89 -0.54 -9.50
N CYS C 105 -10.45 0.72 -9.62
CA CYS C 105 -11.22 1.68 -10.37
CA CYS C 105 -11.19 1.73 -10.36
C CYS C 105 -10.66 1.84 -11.78
N PRO C 106 -11.50 1.91 -12.81
CA PRO C 106 -10.98 2.02 -14.18
C PRO C 106 -10.03 3.19 -14.40
N LYS C 107 -10.19 4.31 -13.69
CA LYS C 107 -9.39 5.49 -13.95
C LYS C 107 -8.10 5.55 -13.14
N HIS C 108 -7.71 4.45 -12.49
CA HIS C 108 -6.46 4.40 -11.75
C HIS C 108 -5.80 3.05 -11.97
N PHE C 109 -4.47 3.05 -12.02
CA PHE C 109 -3.70 1.82 -12.06
C PHE C 109 -3.40 1.27 -10.68
N GLN C 110 -3.68 2.03 -9.63
CA GLN C 110 -3.53 1.57 -8.26
C GLN C 110 -4.88 1.16 -7.70
N GLU C 111 -4.83 0.30 -6.68
CA GLU C 111 -6.02 -0.05 -5.93
C GLU C 111 -6.31 1.05 -4.92
N THR C 112 -7.55 1.51 -4.90
CA THR C 112 -7.95 2.60 -4.00
C THR C 112 -8.40 2.01 -2.67
N LEU C 113 -7.74 2.42 -1.60
CA LEU C 113 -8.10 1.94 -0.27
C LEU C 113 -9.56 2.29 0.05
N ILE C 114 -10.31 1.30 0.51
CA ILE C 114 -11.69 1.51 0.93
C ILE C 114 -11.69 1.78 2.43
N CYS C 115 -11.38 0.76 3.23
CA CYS C 115 -11.24 0.94 4.66
CA CYS C 115 -11.34 0.90 4.68
C CYS C 115 -10.69 -0.34 5.27
N GLY C 116 -10.26 -0.23 6.53
CA GLY C 116 -9.66 -1.33 7.24
C GLY C 116 -10.21 -1.46 8.65
N LYS C 117 -9.75 -2.50 9.35
CA LYS C 117 -10.31 -2.78 10.67
C LYS C 117 -9.52 -3.93 11.29
N ASP C 118 -9.25 -3.82 12.58
CA ASP C 118 -8.63 -4.88 13.35
C ASP C 118 -9.71 -5.75 13.97
N ILE C 119 -9.62 -7.06 13.76
CA ILE C 119 -10.57 -8.01 14.31
C ILE C 119 -9.87 -8.86 15.36
N SER C 120 -10.60 -9.20 16.42
CA SER C 120 -10.07 -9.99 17.51
C SER C 120 -10.92 -11.23 17.71
N SER C 121 -10.29 -12.30 18.21
CA SER C 121 -10.99 -13.51 18.60
C SER C 121 -10.57 -13.88 20.00
N GLY C 122 -11.48 -14.55 20.72
CA GLY C 122 -11.24 -14.94 22.09
C GLY C 122 -12.34 -15.82 22.65
N TYR C 123 -12.51 -15.79 23.97
CA TYR C 123 -13.51 -16.63 24.61
C TYR C 123 -14.27 -15.83 25.66
N PRO C 124 -15.53 -16.17 25.90
CA PRO C 124 -16.24 -15.55 27.01
C PRO C 124 -15.59 -15.93 28.32
N PRO C 125 -15.73 -15.10 29.35
CA PRO C 125 -15.07 -15.40 30.62
C PRO C 125 -15.78 -16.49 31.40
N ASP C 126 -14.98 -17.26 32.13
CA ASP C 126 -15.51 -18.24 33.07
C ASP C 126 -16.12 -17.52 34.28
N ILE C 127 -16.86 -18.29 35.08
CA ILE C 127 -17.38 -17.83 36.35
C ILE C 127 -16.24 -17.75 37.34
N PRO C 128 -15.84 -16.56 37.81
CA PRO C 128 -14.74 -16.49 38.78
C PRO C 128 -15.07 -17.30 40.04
N ASP C 129 -14.17 -18.21 40.40
CA ASP C 129 -14.30 -18.98 41.63
C ASP C 129 -13.04 -18.77 42.47
N GLU C 130 -12.98 -19.48 43.59
CA GLU C 130 -11.86 -19.37 44.52
C GLU C 130 -11.67 -17.92 44.99
N VAL C 131 -12.78 -17.20 45.17
CA VAL C 131 -12.70 -15.83 45.67
C VAL C 131 -12.19 -15.86 47.10
N THR C 132 -11.14 -15.10 47.37
CA THR C 132 -10.56 -15.03 48.71
C THR C 132 -10.13 -13.60 49.01
N CYS C 133 -10.46 -13.14 50.21
CA CYS C 133 -10.09 -11.81 50.68
C CYS C 133 -9.38 -11.94 52.02
N VAL C 134 -8.18 -11.38 52.11
CA VAL C 134 -7.39 -11.44 53.33
C VAL C 134 -6.92 -10.03 53.68
N ILE C 135 -6.39 -9.89 54.90
CA ILE C 135 -5.82 -8.64 55.37
C ILE C 135 -4.44 -9.00 55.94
N TYR C 136 -3.40 -8.72 55.17
CA TYR C 136 -2.05 -8.85 55.71
C TYR C 136 -1.83 -7.80 56.78
N GLU C 137 -1.26 -8.22 57.91
CA GLU C 137 -1.19 -7.37 59.08
C GLU C 137 -0.40 -6.09 58.78
N TYR C 138 -0.94 -4.96 59.24
CA TYR C 138 -0.32 -3.65 59.08
C TYR C 138 -0.50 -3.11 57.66
N SER C 139 -0.84 -3.98 56.71
CA SER C 139 -1.00 -3.55 55.33
C SER C 139 -2.04 -2.45 55.19
N GLY C 140 -2.98 -2.36 56.13
CA GLY C 140 -4.01 -1.35 56.06
C GLY C 140 -5.01 -1.51 54.93
N ASN C 141 -4.78 -2.43 53.99
CA ASN C 141 -5.79 -2.74 52.99
C ASN C 141 -6.03 -4.24 52.90
N MET C 142 -7.22 -4.58 52.41
CA MET C 142 -7.66 -5.96 52.24
C MET C 142 -7.40 -6.39 50.80
N THR C 143 -6.76 -7.55 50.64
CA THR C 143 -6.36 -8.05 49.33
C THR C 143 -7.32 -9.15 48.91
N CYS C 144 -8.09 -8.89 47.85
CA CYS C 144 -9.05 -9.85 47.31
C CYS C 144 -8.51 -10.38 45.98
N THR C 145 -8.50 -11.70 45.86
CA THR C 145 -8.04 -12.37 44.65
C THR C 145 -9.10 -13.38 44.22
N TRP C 146 -8.86 -14.04 43.10
CA TRP C 146 -9.79 -15.05 42.60
C TRP C 146 -9.13 -15.79 41.44
N ASN C 147 -9.76 -16.89 41.05
CA ASN C 147 -9.34 -17.65 39.88
C ASN C 147 -10.19 -17.21 38.71
N ALA C 148 -9.57 -16.55 37.73
CA ALA C 148 -10.29 -16.02 36.59
C ALA C 148 -10.68 -17.11 35.59
N GLY C 149 -10.06 -18.28 35.66
CA GLY C 149 -10.44 -19.37 34.80
C GLY C 149 -9.56 -19.49 33.58
N LYS C 150 -10.14 -19.95 32.47
CA LYS C 150 -9.40 -20.19 31.25
C LYS C 150 -9.07 -18.87 30.55
N LEU C 151 -8.21 -18.97 29.53
CA LEU C 151 -7.76 -17.78 28.81
C LEU C 151 -8.84 -17.26 27.88
N THR C 152 -9.02 -15.94 27.89
CA THR C 152 -10.00 -15.28 27.05
C THR C 152 -9.39 -14.57 25.86
N TYR C 153 -8.08 -14.27 25.90
CA TYR C 153 -7.36 -13.64 24.80
C TYR C 153 -7.72 -12.17 24.63
N ILE C 154 -8.96 -11.79 24.91
CA ILE C 154 -9.44 -10.45 24.65
C ILE C 154 -9.56 -9.69 25.97
N ASP C 155 -9.73 -8.36 25.86
CA ASP C 155 -9.71 -7.48 27.02
C ASP C 155 -10.85 -7.82 27.97
N THR C 156 -10.53 -8.49 29.07
CA THR C 156 -11.52 -8.88 30.07
C THR C 156 -11.37 -7.98 31.30
N LYS C 157 -12.48 -7.40 31.73
CA LYS C 157 -12.50 -6.50 32.88
C LYS C 157 -13.20 -7.18 34.06
N TYR C 158 -12.77 -6.81 35.27
CA TYR C 158 -13.32 -7.38 36.50
C TYR C 158 -13.83 -6.28 37.40
N VAL C 159 -15.04 -6.49 37.93
CA VAL C 159 -15.67 -5.56 38.86
C VAL C 159 -15.86 -6.27 40.19
N VAL C 160 -15.28 -5.70 41.25
CA VAL C 160 -15.35 -6.28 42.59
C VAL C 160 -16.37 -5.47 43.39
N HIS C 161 -17.45 -6.12 43.80
CA HIS C 161 -18.46 -5.49 44.62
C HIS C 161 -18.19 -5.80 46.09
N VAL C 162 -18.29 -4.78 46.94
CA VAL C 162 -18.16 -4.93 48.39
C VAL C 162 -19.38 -4.30 49.02
N LYS C 163 -20.13 -5.09 49.78
CA LYS C 163 -21.38 -4.65 50.40
C LYS C 163 -21.37 -5.02 51.87
N SER C 164 -21.81 -4.08 52.72
CA SER C 164 -21.86 -4.30 54.16
C SER C 164 -23.18 -4.98 54.51
N LEU C 165 -23.10 -6.13 55.16
CA LEU C 165 -24.30 -6.81 55.64
C LEU C 165 -25.06 -5.97 56.67
N GLU C 166 -24.45 -4.90 57.20
CA GLU C 166 -25.12 -4.02 58.15
C GLU C 166 -25.78 -2.85 57.42
N THR C 167 -24.97 -1.92 56.93
CA THR C 167 -25.48 -0.66 56.37
C THR C 167 -25.93 -0.78 54.93
N GLU C 168 -25.80 -1.95 54.29
CA GLU C 168 -26.33 -2.21 52.96
C GLU C 168 -25.70 -1.35 51.87
N GLU C 169 -24.65 -0.59 52.19
CA GLU C 169 -24.04 0.32 51.22
C GLU C 169 -22.99 -0.44 50.40
N GLU C 170 -23.08 -0.30 49.08
CA GLU C 170 -22.29 -1.10 48.15
C GLU C 170 -21.27 -0.21 47.45
N GLN C 171 -20.00 -0.60 47.50
CA GLN C 171 -18.94 0.01 46.72
C GLN C 171 -18.48 -0.94 45.63
N GLN C 172 -18.11 -0.36 44.49
CA GLN C 172 -17.63 -1.13 43.34
C GLN C 172 -16.22 -0.67 42.99
N TYR C 173 -15.45 -1.59 42.40
CA TYR C 173 -14.07 -1.32 42.01
C TYR C 173 -13.78 -2.04 40.71
N LEU C 174 -13.32 -1.29 39.71
CA LEU C 174 -12.90 -1.88 38.46
C LEU C 174 -11.41 -2.21 38.52
N THR C 175 -11.03 -3.29 37.84
CA THR C 175 -9.64 -3.73 37.81
C THR C 175 -9.46 -4.68 36.63
N SER C 176 -8.19 -4.98 36.33
CA SER C 176 -7.84 -5.94 35.30
C SER C 176 -7.23 -7.22 35.87
N SER C 177 -6.63 -7.15 37.05
CA SER C 177 -6.10 -8.34 37.72
C SER C 177 -6.79 -8.50 39.06
N TYR C 178 -6.07 -8.25 40.16
CA TYR C 178 -6.62 -8.30 41.50
C TYR C 178 -6.67 -6.89 42.07
N ILE C 179 -7.00 -6.77 43.35
CA ILE C 179 -7.34 -5.47 43.91
C ILE C 179 -6.96 -5.40 45.38
N ASN C 180 -6.55 -4.21 45.81
CA ASN C 180 -6.37 -3.87 47.22
C ASN C 180 -7.42 -2.83 47.61
N ILE C 181 -8.28 -3.19 48.55
CA ILE C 181 -9.24 -2.24 49.13
C ILE C 181 -8.72 -1.80 50.48
N SER C 182 -8.82 -0.49 50.74
CA SER C 182 -8.34 0.07 51.99
C SER C 182 -9.33 -0.20 53.12
N THR C 183 -8.80 -0.63 54.27
CA THR C 183 -9.65 -0.86 55.43
C THR C 183 -10.37 0.41 55.85
N ASP C 184 -9.79 1.58 55.57
CA ASP C 184 -10.43 2.84 55.92
C ASP C 184 -11.78 2.99 55.23
N SER C 185 -11.94 2.40 54.05
CA SER C 185 -13.20 2.46 53.33
C SER C 185 -14.23 1.46 53.85
N LEU C 186 -13.83 0.56 54.75
CA LEU C 186 -14.74 -0.43 55.32
C LEU C 186 -15.22 0.05 56.68
N GLN C 187 -16.05 1.09 56.64
CA GLN C 187 -16.51 1.74 57.86
C GLN C 187 -17.73 1.04 58.45
N GLY C 188 -18.72 0.77 57.62
CA GLY C 188 -19.99 0.24 58.09
C GLY C 188 -19.94 -1.21 58.52
N GLY C 189 -19.44 -1.47 59.72
CA GLY C 189 -19.49 -2.80 60.29
C GLY C 189 -18.25 -3.63 59.99
N LYS C 190 -18.35 -4.90 60.37
CA LYS C 190 -17.27 -5.87 60.16
C LYS C 190 -17.71 -7.07 59.34
N LYS C 191 -18.95 -7.09 58.85
CA LYS C 191 -19.45 -8.20 58.05
C LYS C 191 -19.80 -7.67 56.67
N TYR C 192 -19.15 -8.23 55.64
CA TYR C 192 -19.32 -7.75 54.27
C TYR C 192 -19.58 -8.91 53.33
N LEU C 193 -20.23 -8.61 52.22
CA LEU C 193 -20.41 -9.53 51.11
C LEU C 193 -19.55 -9.07 49.93
N VAL C 194 -18.84 -10.02 49.32
CA VAL C 194 -17.92 -9.73 48.23
C VAL C 194 -18.16 -10.72 47.10
N TRP C 195 -18.47 -10.19 45.91
CA TRP C 195 -18.54 -11.00 44.70
C TRP C 195 -17.81 -10.29 43.58
N VAL C 196 -17.49 -11.04 42.53
CA VAL C 196 -16.67 -10.55 41.44
C VAL C 196 -17.39 -10.77 40.12
N GLN C 197 -17.36 -9.76 39.26
CA GLN C 197 -17.99 -9.81 37.95
C GLN C 197 -16.91 -9.71 36.88
N ALA C 198 -16.91 -10.67 35.96
CA ALA C 198 -15.97 -10.69 34.85
C ALA C 198 -16.73 -10.47 33.54
N ALA C 199 -16.23 -9.57 32.70
CA ALA C 199 -16.94 -9.19 31.49
C ALA C 199 -15.96 -8.92 30.36
N ASN C 200 -16.34 -9.37 29.16
CA ASN C 200 -15.65 -8.99 27.94
C ASN C 200 -16.68 -9.01 26.81
N ALA C 201 -16.27 -8.55 25.63
CA ALA C 201 -17.20 -8.40 24.53
C ALA C 201 -18.07 -9.63 24.34
N LEU C 202 -17.51 -10.82 24.56
CA LEU C 202 -18.19 -12.06 24.24
C LEU C 202 -19.08 -12.59 25.36
N GLY C 203 -18.97 -12.05 26.57
CA GLY C 203 -19.77 -12.60 27.65
C GLY C 203 -19.51 -11.87 28.95
N MET C 204 -20.22 -12.35 29.98
CA MET C 204 -20.21 -11.71 31.29
C MET C 204 -20.66 -12.74 32.31
N GLU C 205 -19.89 -12.89 33.39
CA GLU C 205 -20.20 -13.85 34.43
C GLU C 205 -19.97 -13.21 35.79
N GLU C 206 -20.51 -13.86 36.83
CA GLU C 206 -20.48 -13.35 38.18
C GLU C 206 -20.15 -14.49 39.14
N SER C 207 -19.36 -14.18 40.16
CA SER C 207 -18.99 -15.17 41.15
C SER C 207 -20.08 -15.31 42.21
N LYS C 208 -19.98 -16.40 42.97
CA LYS C 208 -20.80 -16.53 44.15
C LYS C 208 -20.39 -15.50 45.19
N GLN C 209 -21.35 -15.07 46.00
CA GLN C 209 -21.05 -14.13 47.06
C GLN C 209 -20.24 -14.82 48.15
N LEU C 210 -19.13 -14.19 48.53
CA LEU C 210 -18.32 -14.65 49.65
C LEU C 210 -18.49 -13.65 50.79
N GLN C 211 -18.90 -14.14 51.96
CA GLN C 211 -19.04 -13.30 53.14
C GLN C 211 -17.79 -13.42 54.00
N ILE C 212 -17.41 -12.31 54.62
CA ILE C 212 -16.16 -12.21 55.37
C ILE C 212 -16.42 -11.57 56.72
N HIS C 213 -15.56 -11.89 57.68
CA HIS C 213 -15.55 -11.25 58.99
C HIS C 213 -14.14 -10.70 59.19
N LEU C 214 -14.01 -9.37 59.21
CA LEU C 214 -12.71 -8.72 59.18
C LEU C 214 -11.78 -9.20 60.30
N ASP C 215 -12.32 -9.90 61.30
CA ASP C 215 -11.50 -10.49 62.34
C ASP C 215 -10.97 -11.87 61.98
N ASP C 216 -11.58 -12.54 61.00
CA ASP C 216 -11.24 -13.92 60.67
C ASP C 216 -10.35 -14.06 59.45
N ILE C 217 -10.05 -12.96 58.75
CA ILE C 217 -9.31 -13.04 57.49
C ILE C 217 -7.96 -12.34 57.62
N VAL C 218 -7.40 -12.32 58.82
CA VAL C 218 -6.11 -11.68 59.07
C VAL C 218 -5.01 -12.72 58.98
N ILE C 219 -3.90 -12.33 58.37
CA ILE C 219 -2.70 -13.15 58.28
C ILE C 219 -1.59 -12.39 58.97
N PRO C 220 -0.92 -12.95 59.98
CA PRO C 220 0.09 -12.18 60.72
C PRO C 220 1.25 -11.78 59.82
N SER C 221 1.97 -10.76 60.26
CA SER C 221 3.13 -10.28 59.51
C SER C 221 4.16 -11.40 59.37
N ALA C 222 5.01 -11.26 58.36
CA ALA C 222 5.90 -12.35 57.97
C ALA C 222 6.76 -12.81 59.13
N ALA C 223 6.90 -14.13 59.24
CA ALA C 223 7.84 -14.76 60.17
C ALA C 223 9.05 -15.25 59.39
N VAL C 224 10.24 -14.93 59.88
CA VAL C 224 11.47 -15.20 59.15
C VAL C 224 12.48 -15.86 60.07
N ILE C 225 13.36 -16.66 59.47
CA ILE C 225 14.42 -17.35 60.20
C ILE C 225 15.65 -16.46 60.22
N SER C 226 16.27 -16.32 61.39
CA SER C 226 17.44 -15.44 61.55
C SER C 226 18.74 -16.21 61.35
N ARG C 227 19.05 -17.11 62.27
CA ARG C 227 20.34 -17.81 62.25
C ARG C 227 20.12 -19.29 62.53
N ALA C 228 21.22 -20.01 62.69
CA ALA C 228 21.20 -21.44 63.04
C ALA C 228 22.45 -21.72 63.85
N GLU C 229 22.28 -22.05 65.13
CA GLU C 229 23.39 -22.32 66.03
C GLU C 229 23.42 -23.80 66.39
N THR C 230 24.62 -24.37 66.42
CA THR C 230 24.84 -25.75 66.84
C THR C 230 25.74 -25.77 68.07
N ILE C 231 25.36 -26.58 69.06
CA ILE C 231 26.15 -26.72 70.28
C ILE C 231 26.96 -28.00 70.20
N ASN C 232 28.22 -27.93 70.64
CA ASN C 232 29.10 -29.10 70.66
C ASN C 232 29.06 -29.72 72.06
N ALA C 233 27.94 -30.39 72.34
CA ALA C 233 27.72 -31.04 73.64
C ALA C 233 27.05 -32.39 73.36
N THR C 234 27.87 -33.43 73.24
CA THR C 234 27.39 -34.78 72.97
C THR C 234 26.45 -34.77 71.76
N VAL C 235 25.17 -35.05 71.98
CA VAL C 235 24.21 -35.01 70.87
C VAL C 235 24.06 -33.57 70.39
N PRO C 236 24.20 -33.28 69.09
CA PRO C 236 24.20 -31.88 68.64
C PRO C 236 22.79 -31.31 68.61
N LYS C 237 22.56 -30.26 69.40
CA LYS C 237 21.34 -29.48 69.32
C LYS C 237 21.54 -28.33 68.36
N THR C 238 20.66 -28.24 67.36
CA THR C 238 20.70 -27.14 66.38
C THR C 238 19.54 -26.20 66.71
N ILE C 239 19.85 -25.10 67.40
CA ILE C 239 18.84 -24.13 67.77
C ILE C 239 18.56 -23.22 66.58
N ILE C 240 17.28 -23.08 66.23
CA ILE C 240 16.85 -22.26 65.11
C ILE C 240 16.15 -21.03 65.67
N TYR C 241 16.65 -19.85 65.30
CA TYR C 241 16.10 -18.58 65.78
C TYR C 241 15.21 -17.99 64.69
N TRP C 242 13.96 -17.70 65.04
CA TRP C 242 13.02 -17.09 64.11
C TRP C 242 12.09 -16.18 64.90
N ASP C 243 11.49 -15.23 64.18
CA ASP C 243 10.74 -14.16 64.84
C ASP C 243 9.77 -13.54 63.84
N SER C 244 8.75 -12.89 64.39
CA SER C 244 7.79 -12.13 63.61
C SER C 244 7.39 -10.88 64.40
N GLN C 245 7.00 -9.84 63.67
CA GLN C 245 6.57 -8.59 64.29
C GLN C 245 5.05 -8.46 64.27
N THR C 246 4.40 -9.42 64.93
CA THR C 246 2.94 -9.51 64.94
C THR C 246 2.42 -9.12 66.32
N THR C 247 1.39 -8.27 66.34
CA THR C 247 0.72 -7.88 67.58
C THR C 247 -0.32 -8.90 68.02
N ILE C 248 -0.71 -9.82 67.14
CA ILE C 248 -1.71 -10.83 67.50
C ILE C 248 -1.19 -11.68 68.64
N GLU C 249 -2.12 -12.08 69.52
CA GLU C 249 -1.77 -12.87 70.71
C GLU C 249 -1.75 -14.36 70.37
N LYS C 250 -2.93 -14.95 70.19
CA LYS C 250 -3.03 -16.37 69.90
C LYS C 250 -2.57 -16.64 68.47
N VAL C 251 -1.46 -17.37 68.33
CA VAL C 251 -0.85 -17.64 67.03
C VAL C 251 -0.33 -19.07 67.01
N SER C 252 -0.67 -19.81 65.97
CA SER C 252 -0.12 -21.13 65.70
C SER C 252 0.80 -21.06 64.48
N CYS C 253 1.86 -21.85 64.50
CA CYS C 253 2.86 -21.83 63.44
C CYS C 253 3.23 -23.26 63.05
N GLU C 254 3.94 -23.37 61.92
CA GLU C 254 4.47 -24.64 61.45
C GLU C 254 5.84 -24.39 60.83
N MET C 255 6.72 -25.38 60.95
CA MET C 255 8.06 -25.29 60.37
C MET C 255 8.41 -26.63 59.73
N ARG C 256 9.04 -26.56 58.56
CA ARG C 256 9.45 -27.74 57.82
C ARG C 256 10.97 -27.82 57.78
N TYR C 257 11.49 -29.05 57.81
CA TYR C 257 12.92 -29.29 57.74
C TYR C 257 13.17 -30.63 57.08
N LYS C 258 13.85 -30.62 55.94
CA LYS C 258 14.27 -31.85 55.26
C LYS C 258 15.74 -31.73 54.91
N ALA C 259 16.40 -32.89 54.86
CA ALA C 259 17.75 -32.94 54.32
C ALA C 259 17.70 -32.78 52.81
N THR C 260 18.49 -31.84 52.29
CA THR C 260 18.45 -31.54 50.86
C THR C 260 18.52 -32.82 50.03
N THR C 261 19.34 -33.79 50.47
CA THR C 261 19.44 -35.06 49.76
C THR C 261 18.09 -35.77 49.74
N ASN C 262 17.32 -35.66 50.81
CA ASN C 262 16.02 -36.30 50.90
C ASN C 262 15.00 -35.53 50.05
N GLN C 263 13.83 -36.14 49.89
CA GLN C 263 12.75 -35.55 49.10
C GLN C 263 11.42 -35.55 49.86
N THR C 264 11.47 -35.67 51.19
CA THR C 264 10.31 -35.65 52.05
C THR C 264 10.37 -34.42 52.94
N TRP C 265 9.22 -34.04 53.50
CA TRP C 265 9.12 -32.91 54.42
C TRP C 265 8.79 -33.41 55.82
N ASN C 266 9.64 -33.07 56.78
CA ASN C 266 9.36 -33.28 58.19
C ASN C 266 8.91 -31.96 58.81
N VAL C 267 7.90 -32.04 59.68
CA VAL C 267 7.23 -30.84 60.18
C VAL C 267 6.99 -30.95 61.67
N LYS C 268 6.96 -29.80 62.34
CA LYS C 268 6.56 -29.69 63.75
C LYS C 268 5.62 -28.51 63.90
N GLU C 269 4.64 -28.65 64.79
CA GLU C 269 3.64 -27.62 65.02
C GLU C 269 3.85 -26.98 66.39
N PHE C 270 3.60 -25.68 66.48
CA PHE C 270 3.78 -24.94 67.72
C PHE C 270 2.72 -23.84 67.82
N ASP C 271 2.23 -23.63 69.04
CA ASP C 271 1.34 -22.51 69.35
C ASP C 271 2.21 -21.45 70.03
N THR C 272 2.80 -20.58 69.22
CA THR C 272 3.91 -19.76 69.65
C THR C 272 3.46 -18.43 70.25
N ASN C 273 4.31 -17.89 71.12
CA ASN C 273 4.09 -16.63 71.82
C ASN C 273 5.17 -15.67 71.37
N PHE C 274 4.84 -14.77 70.44
CA PHE C 274 5.84 -13.97 69.75
C PHE C 274 6.30 -12.76 70.55
N THR C 275 5.96 -12.67 71.84
CA THR C 275 6.58 -11.64 72.68
C THR C 275 8.09 -11.74 72.63
N TYR C 276 8.62 -12.96 72.60
CA TYR C 276 10.05 -13.22 72.59
C TYR C 276 10.43 -13.98 71.34
N VAL C 277 11.70 -13.87 70.96
CA VAL C 277 12.20 -14.62 69.81
C VAL C 277 12.07 -16.11 70.10
N GLN C 278 11.52 -16.84 69.14
CA GLN C 278 11.37 -18.28 69.29
C GLN C 278 12.68 -18.99 69.00
N GLN C 279 12.90 -20.11 69.70
CA GLN C 279 14.06 -20.96 69.44
C GLN C 279 13.60 -22.41 69.48
N SER C 280 13.71 -23.09 68.34
CA SER C 280 13.31 -24.48 68.21
C SER C 280 14.54 -25.36 68.39
N GLU C 281 14.47 -26.31 69.34
CA GLU C 281 15.59 -27.17 69.66
C GLU C 281 15.46 -28.48 68.88
N PHE C 282 16.44 -28.74 68.01
CA PHE C 282 16.44 -29.92 67.16
C PHE C 282 17.66 -30.78 67.44
N TYR C 283 17.43 -32.08 67.65
CA TYR C 283 18.49 -33.08 67.61
C TYR C 283 18.63 -33.54 66.17
N LEU C 284 19.82 -33.40 65.60
CA LEU C 284 20.03 -33.60 64.17
C LEU C 284 21.32 -34.35 63.90
N GLU C 285 21.52 -34.68 62.60
CA GLU C 285 22.66 -35.47 62.12
C GLU C 285 23.70 -34.55 61.47
N PRO C 286 25.01 -34.83 61.64
CA PRO C 286 26.02 -33.89 61.19
C PRO C 286 26.31 -33.93 59.69
N ASN C 287 26.90 -32.82 59.23
CA ASN C 287 27.58 -32.70 57.94
C ASN C 287 26.66 -33.07 56.77
N ILE C 288 25.57 -32.32 56.65
CA ILE C 288 24.72 -32.39 55.47
C ILE C 288 23.97 -31.07 55.37
N LYS C 289 23.56 -30.72 54.15
CA LYS C 289 22.78 -29.51 53.93
C LYS C 289 21.35 -29.72 54.42
N TYR C 290 20.67 -28.61 54.70
CA TYR C 290 19.31 -28.64 55.22
C TYR C 290 18.53 -27.47 54.63
N VAL C 291 17.21 -27.50 54.82
CA VAL C 291 16.32 -26.43 54.41
C VAL C 291 15.34 -26.16 55.54
N PHE C 292 14.85 -24.92 55.60
CA PHE C 292 13.94 -24.52 56.67
C PHE C 292 12.96 -23.48 56.14
N GLN C 293 11.71 -23.59 56.60
CA GLN C 293 10.66 -22.65 56.23
C GLN C 293 9.64 -22.59 57.35
N VAL C 294 8.95 -21.44 57.46
CA VAL C 294 7.95 -21.23 58.49
C VAL C 294 6.72 -20.56 57.90
N ARG C 295 5.58 -20.82 58.51
CA ARG C 295 4.35 -20.10 58.23
C ARG C 295 3.50 -20.09 59.49
N CYS C 296 2.70 -19.05 59.65
CA CYS C 296 1.90 -18.88 60.85
C CYS C 296 0.51 -18.38 60.48
N GLN C 297 -0.41 -18.50 61.43
CA GLN C 297 -1.77 -18.01 61.27
C GLN C 297 -2.29 -17.60 62.63
N GLU C 298 -3.32 -16.74 62.61
CA GLU C 298 -4.13 -16.55 63.81
C GLU C 298 -4.87 -17.84 64.10
N THR C 299 -4.74 -18.34 65.32
CA THR C 299 -5.20 -19.69 65.63
C THR C 299 -6.70 -19.85 65.32
N GLY C 300 -7.01 -20.91 64.58
CA GLY C 300 -8.37 -21.22 64.21
C GLY C 300 -8.85 -20.57 62.92
N LYS C 301 -8.24 -19.46 62.52
CA LYS C 301 -8.67 -18.75 61.32
C LYS C 301 -8.45 -19.60 60.07
N ARG C 302 -9.02 -19.14 58.97
CA ARG C 302 -9.05 -19.94 57.74
C ARG C 302 -7.73 -19.87 56.98
N TYR C 303 -7.12 -18.70 56.90
CA TYR C 303 -5.99 -18.48 56.01
C TYR C 303 -4.67 -18.55 56.75
N TRP C 304 -3.63 -18.97 56.02
CA TRP C 304 -2.28 -19.07 56.53
C TRP C 304 -1.38 -18.03 55.86
N GLN C 305 -0.19 -17.85 56.42
CA GLN C 305 0.86 -17.14 55.73
C GLN C 305 1.34 -17.98 54.55
N PRO C 306 2.00 -17.35 53.58
CA PRO C 306 2.81 -18.13 52.64
C PRO C 306 4.06 -18.64 53.33
N TRP C 307 4.61 -19.71 52.77
CA TRP C 307 5.84 -20.28 53.35
C TRP C 307 6.99 -19.31 53.19
N SER C 308 7.74 -19.10 54.26
CA SER C 308 8.89 -18.20 54.22
C SER C 308 9.93 -18.72 53.23
N SER C 309 10.85 -17.82 52.86
CA SER C 309 11.89 -18.18 51.91
C SER C 309 12.81 -19.24 52.50
N LEU C 310 13.50 -19.95 51.61
CA LEU C 310 14.34 -21.06 52.02
C LEU C 310 15.52 -20.57 52.85
N PHE C 311 15.77 -21.26 53.96
CA PHE C 311 16.91 -20.98 54.82
C PHE C 311 17.74 -22.25 54.94
N PHE C 312 18.91 -22.27 54.31
CA PHE C 312 19.77 -23.44 54.31
C PHE C 312 20.73 -23.40 55.49
N HIS C 313 21.27 -24.57 55.83
CA HIS C 313 22.22 -24.68 56.93
C HIS C 313 22.94 -26.02 56.92
N LYS C 314 24.23 -26.00 56.59
CA LYS C 314 25.06 -27.20 56.73
C LYS C 314 25.50 -27.35 58.17
N THR C 315 25.56 -28.57 58.64
CA THR C 315 25.96 -28.86 60.02
C THR C 315 27.45 -29.15 60.08
N PRO C 316 28.07 -29.00 61.26
CA PRO C 316 29.50 -29.25 61.39
C PRO C 316 29.88 -30.72 61.14
N GLU D 23 3.01 -3.14 -45.56
CA GLU D 23 1.86 -3.63 -46.37
C GLU D 23 1.53 -5.07 -46.02
N VAL D 24 0.38 -5.27 -45.37
CA VAL D 24 -0.13 -6.61 -45.08
C VAL D 24 -0.83 -7.15 -46.32
N GLN D 25 -0.79 -8.46 -46.49
CA GLN D 25 -1.42 -9.14 -47.62
C GLN D 25 -2.38 -10.19 -47.08
N LEU D 26 -3.58 -10.25 -47.64
CA LEU D 26 -4.62 -11.17 -47.20
C LEU D 26 -5.09 -12.02 -48.38
N VAL D 27 -5.18 -13.33 -48.15
CA VAL D 27 -5.52 -14.29 -49.21
C VAL D 27 -6.61 -15.21 -48.70
N GLU D 28 -7.76 -15.21 -49.38
CA GLU D 28 -8.88 -16.07 -49.01
C GLU D 28 -8.76 -17.42 -49.73
N SER D 29 -9.45 -18.40 -49.17
CA SER D 29 -9.49 -19.74 -49.74
C SER D 29 -10.52 -20.55 -48.96
N GLY D 30 -10.85 -21.72 -49.49
CA GLY D 30 -11.83 -22.60 -48.88
C GLY D 30 -13.20 -22.56 -49.50
N GLY D 31 -13.45 -21.61 -50.40
CA GLY D 31 -14.75 -21.48 -51.02
C GLY D 31 -15.01 -22.60 -52.02
N GLY D 32 -16.21 -22.56 -52.59
CA GLY D 32 -16.60 -23.55 -53.57
C GLY D 32 -18.11 -23.69 -53.63
N LEU D 33 -18.55 -24.79 -54.22
CA LEU D 33 -19.96 -25.08 -54.41
C LEU D 33 -20.38 -26.19 -53.46
N VAL D 34 -21.31 -25.87 -52.56
CA VAL D 34 -21.90 -26.83 -51.64
C VAL D 34 -23.42 -26.75 -51.77
N GLN D 35 -24.09 -27.78 -51.26
CA GLN D 35 -25.54 -27.86 -51.32
C GLN D 35 -26.15 -27.38 -50.00
N ALA D 36 -27.40 -26.91 -50.09
CA ALA D 36 -28.09 -26.40 -48.91
C ALA D 36 -27.98 -27.39 -47.75
N GLY D 37 -27.78 -26.84 -46.55
CA GLY D 37 -27.54 -27.66 -45.38
C GLY D 37 -26.11 -28.09 -45.17
N GLY D 38 -25.23 -27.88 -46.16
CA GLY D 38 -23.84 -28.23 -46.05
C GLY D 38 -23.07 -27.24 -45.18
N SER D 39 -21.74 -27.26 -45.33
CA SER D 39 -20.89 -26.42 -44.52
C SER D 39 -19.52 -26.30 -45.18
N LEU D 40 -18.93 -25.11 -45.10
CA LEU D 40 -17.58 -24.85 -45.55
C LEU D 40 -16.78 -24.24 -44.40
N ARG D 41 -15.46 -24.24 -44.56
CA ARG D 41 -14.57 -23.50 -43.66
C ARG D 41 -13.67 -22.64 -44.52
N LEU D 42 -13.96 -21.35 -44.59
CA LEU D 42 -13.09 -20.42 -45.29
C LEU D 42 -11.89 -20.08 -44.40
N SER D 43 -10.79 -19.71 -45.05
CA SER D 43 -9.59 -19.31 -44.34
C SER D 43 -9.01 -18.06 -45.00
N CYS D 44 -8.38 -17.22 -44.17
CA CYS D 44 -7.79 -15.97 -44.63
C CYS D 44 -6.35 -15.96 -44.12
N ALA D 45 -5.40 -16.26 -45.00
CA ALA D 45 -3.99 -16.29 -44.62
C ALA D 45 -3.42 -14.88 -44.72
N ALA D 46 -2.90 -14.37 -43.61
CA ALA D 46 -2.33 -13.04 -43.55
C ALA D 46 -0.81 -13.12 -43.50
N SER D 47 -0.15 -12.17 -44.15
CA SER D 47 1.30 -12.08 -44.12
C SER D 47 1.82 -11.52 -42.81
N GLY D 48 0.97 -10.85 -42.04
CA GLY D 48 1.42 -10.28 -40.78
C GLY D 48 0.33 -9.43 -40.16
N ARG D 49 0.76 -8.51 -39.28
CA ARG D 49 -0.17 -7.71 -38.49
C ARG D 49 0.35 -6.28 -38.45
N THR D 50 -0.45 -5.34 -38.94
CA THR D 50 -0.06 -3.94 -38.90
C THR D 50 0.23 -3.50 -37.47
N PHE D 51 -0.68 -3.85 -36.55
CA PHE D 51 -0.54 -3.50 -35.15
C PHE D 51 -0.83 -4.73 -34.30
N SER D 52 -0.33 -4.72 -33.07
CA SER D 52 -0.63 -5.80 -32.14
C SER D 52 -2.13 -5.94 -31.90
N TRP D 53 -2.86 -4.83 -31.93
CA TRP D 53 -4.29 -4.83 -31.67
C TRP D 53 -5.12 -4.96 -32.95
N SER D 54 -4.48 -5.18 -34.10
CA SER D 54 -5.23 -5.33 -35.34
C SER D 54 -6.20 -6.49 -35.24
N ALA D 55 -7.22 -6.44 -36.10
CA ALA D 55 -8.26 -7.46 -36.14
C ALA D 55 -8.58 -7.76 -37.60
N VAL D 56 -9.04 -8.99 -37.83
CA VAL D 56 -9.40 -9.45 -39.16
C VAL D 56 -10.90 -9.69 -39.18
N GLY D 57 -11.57 -9.19 -40.21
CA GLY D 57 -13.01 -9.32 -40.32
C GLY D 57 -13.42 -9.91 -41.65
N TRP D 58 -14.47 -10.71 -41.62
CA TRP D 58 -15.05 -11.30 -42.82
C TRP D 58 -16.23 -10.47 -43.27
N PHE D 59 -16.25 -10.13 -44.56
CA PHE D 59 -17.39 -9.52 -45.20
C PHE D 59 -17.91 -10.44 -46.28
N ARG D 60 -19.10 -10.14 -46.76
CA ARG D 60 -19.81 -10.99 -47.70
C ARG D 60 -20.48 -10.09 -48.72
N GLN D 61 -20.25 -10.34 -50.00
CA GLN D 61 -20.76 -9.50 -51.07
C GLN D 61 -21.62 -10.33 -52.01
N ALA D 62 -22.94 -10.27 -51.80
CA ALA D 62 -23.87 -10.96 -52.67
C ALA D 62 -24.03 -10.20 -53.98
N PRO D 63 -24.55 -10.84 -55.02
CA PRO D 63 -24.74 -10.14 -56.30
C PRO D 63 -25.77 -9.04 -56.16
N GLY D 64 -25.40 -7.84 -56.62
CA GLY D 64 -26.29 -6.70 -56.65
C GLY D 64 -26.19 -5.80 -55.44
N LYS D 65 -25.81 -6.34 -54.29
CA LYS D 65 -25.75 -5.57 -53.05
C LYS D 65 -24.30 -5.23 -52.69
N GLU D 66 -24.14 -4.40 -51.67
CA GLU D 66 -22.82 -4.06 -51.16
C GLU D 66 -22.37 -5.07 -50.11
N ARG D 67 -21.08 -5.05 -49.81
CA ARG D 67 -20.52 -6.04 -48.90
C ARG D 67 -20.96 -5.74 -47.48
N GLU D 68 -21.45 -6.76 -46.78
CA GLU D 68 -21.98 -6.62 -45.44
C GLU D 68 -21.11 -7.40 -44.47
N PHE D 69 -20.96 -6.84 -43.25
CA PHE D 69 -20.14 -7.44 -42.22
C PHE D 69 -20.68 -8.82 -41.82
N VAL D 70 -19.75 -9.72 -41.49
CA VAL D 70 -20.10 -11.07 -41.03
C VAL D 70 -19.57 -11.28 -39.63
N ALA D 71 -18.25 -11.23 -39.47
CA ALA D 71 -17.63 -11.46 -38.16
C ALA D 71 -16.21 -10.91 -38.19
N ALA D 72 -15.66 -10.66 -37.00
CA ALA D 72 -14.31 -10.15 -36.87
C ALA D 72 -13.71 -10.62 -35.55
N ILE D 73 -12.38 -10.73 -35.53
CA ILE D 73 -11.67 -11.26 -34.38
C ILE D 73 -10.28 -10.64 -34.31
N ARG D 74 -9.84 -10.33 -33.09
CA ARG D 74 -8.52 -9.78 -32.87
C ARG D 74 -7.48 -10.88 -32.77
N TRP D 75 -6.28 -10.59 -33.28
CA TRP D 75 -5.17 -11.54 -33.14
C TRP D 75 -4.85 -11.79 -31.68
N SER D 76 -4.98 -10.77 -30.84
CA SER D 76 -4.68 -10.88 -29.41
C SER D 76 -5.78 -11.58 -28.63
N GLY D 77 -6.77 -12.17 -29.29
CA GLY D 77 -7.78 -12.92 -28.59
C GLY D 77 -8.93 -12.06 -28.09
N GLY D 78 -9.57 -12.54 -27.04
CA GLY D 78 -10.79 -11.94 -26.54
C GLY D 78 -12.00 -12.37 -27.34
N SER D 79 -13.16 -11.98 -26.87
CA SER D 79 -14.39 -12.34 -27.55
C SER D 79 -14.44 -11.68 -28.93
N PRO D 80 -14.88 -12.39 -29.96
CA PRO D 80 -15.03 -11.77 -31.29
C PRO D 80 -16.26 -10.89 -31.36
N TYR D 81 -16.46 -10.28 -32.53
CA TYR D 81 -17.60 -9.42 -32.80
C TYR D 81 -18.34 -9.99 -34.00
N TYR D 82 -19.53 -10.51 -33.77
CA TYR D 82 -20.33 -11.15 -34.81
C TYR D 82 -21.41 -10.21 -35.32
N ALA D 83 -21.83 -10.46 -36.56
CA ALA D 83 -23.01 -9.78 -37.09
C ALA D 83 -24.26 -10.27 -36.37
N ASP D 84 -25.31 -9.45 -36.43
CA ASP D 84 -26.52 -9.66 -35.66
C ASP D 84 -27.01 -11.10 -35.67
N SER D 85 -26.97 -11.75 -36.84
CA SER D 85 -27.66 -13.01 -37.04
C SER D 85 -26.73 -14.23 -37.00
N VAL D 86 -25.59 -14.16 -37.69
CA VAL D 86 -24.79 -15.33 -37.99
C VAL D 86 -24.25 -16.07 -36.77
N LYS D 87 -24.47 -15.53 -35.56
CA LYS D 87 -23.80 -16.07 -34.38
C LYS D 87 -24.04 -17.57 -34.23
N ASP D 88 -25.24 -18.04 -34.58
CA ASP D 88 -25.57 -19.45 -34.39
C ASP D 88 -24.88 -20.33 -35.43
N ARG D 89 -24.97 -19.96 -36.71
CA ARG D 89 -24.44 -20.81 -37.77
C ARG D 89 -22.94 -20.63 -37.94
N PHE D 90 -22.45 -19.39 -37.88
CA PHE D 90 -21.07 -19.08 -38.19
C PHE D 90 -20.26 -18.89 -36.92
N THR D 91 -19.03 -19.40 -36.93
CA THR D 91 -18.09 -19.19 -35.84
C THR D 91 -16.74 -18.82 -36.45
N ILE D 92 -16.13 -17.76 -35.94
CA ILE D 92 -14.84 -17.28 -36.42
C ILE D 92 -13.79 -17.65 -35.39
N SER D 93 -12.65 -18.16 -35.87
CA SER D 93 -11.55 -18.56 -35.01
C SER D 93 -10.25 -18.10 -35.65
N ARG D 94 -9.16 -18.24 -34.90
CA ARG D 94 -7.85 -17.78 -35.35
C ARG D 94 -6.80 -18.83 -35.04
N ASP D 95 -5.62 -18.64 -35.63
CA ASP D 95 -4.46 -19.51 -35.39
C ASP D 95 -3.22 -18.62 -35.54
N ASN D 96 -2.76 -18.07 -34.42
CA ASN D 96 -1.64 -17.14 -34.47
C ASN D 96 -0.39 -17.77 -35.05
N ALA D 97 -0.18 -19.07 -34.82
CA ALA D 97 0.99 -19.75 -35.38
C ALA D 97 1.00 -19.65 -36.90
N LYS D 98 -0.01 -20.23 -37.54
CA LYS D 98 -0.12 -20.15 -38.99
C LYS D 98 -0.44 -18.73 -39.46
N ASN D 99 -0.89 -17.86 -38.56
CA ASN D 99 -1.22 -16.47 -38.87
C ASN D 99 -2.44 -16.37 -39.78
N THR D 100 -3.40 -17.29 -39.62
CA THR D 100 -4.58 -17.34 -40.48
C THR D 100 -5.84 -17.28 -39.62
N VAL D 101 -6.90 -16.71 -40.20
CA VAL D 101 -8.21 -16.62 -39.56
C VAL D 101 -9.18 -17.51 -40.32
N TYR D 102 -10.01 -18.22 -39.58
CA TYR D 102 -10.94 -19.19 -40.15
C TYR D 102 -12.37 -18.70 -39.97
N LEU D 103 -13.23 -19.09 -40.91
CA LEU D 103 -14.67 -18.87 -40.79
C LEU D 103 -15.37 -20.20 -41.01
N GLN D 104 -15.88 -20.79 -39.93
CA GLN D 104 -16.61 -22.04 -40.00
C GLN D 104 -18.08 -21.73 -40.26
N MET D 105 -18.54 -22.00 -41.47
CA MET D 105 -19.94 -21.77 -41.85
C MET D 105 -20.68 -23.09 -41.81
N ASN D 106 -21.78 -23.13 -41.07
CA ASN D 106 -22.61 -24.32 -40.94
C ASN D 106 -24.02 -24.04 -41.42
N SER D 107 -24.71 -25.11 -41.83
CA SER D 107 -26.12 -25.04 -42.20
C SER D 107 -26.37 -23.90 -43.20
N LEU D 108 -25.69 -23.99 -44.33
CA LEU D 108 -25.77 -22.93 -45.33
C LEU D 108 -27.07 -23.01 -46.12
N ARG D 109 -27.57 -21.84 -46.52
CA ARG D 109 -28.77 -21.71 -47.32
C ARG D 109 -28.43 -21.06 -48.66
N PRO D 110 -29.28 -21.22 -49.68
CA PRO D 110 -29.00 -20.58 -50.97
C PRO D 110 -28.84 -19.07 -50.87
N GLU D 111 -29.37 -18.45 -49.82
CA GLU D 111 -29.20 -17.01 -49.63
C GLU D 111 -27.81 -16.64 -49.11
N ASP D 112 -26.93 -17.63 -48.93
CA ASP D 112 -25.55 -17.38 -48.52
C ASP D 112 -24.58 -17.26 -49.68
N THR D 113 -25.04 -17.55 -50.91
CA THR D 113 -24.19 -17.39 -52.08
C THR D 113 -23.66 -15.97 -52.16
N ALA D 114 -22.33 -15.84 -52.26
CA ALA D 114 -21.70 -14.53 -52.33
C ALA D 114 -20.19 -14.70 -52.38
N VAL D 115 -19.50 -13.58 -52.58
CA VAL D 115 -18.05 -13.51 -52.44
C VAL D 115 -17.73 -13.17 -50.99
N TYR D 116 -16.89 -13.99 -50.36
CA TYR D 116 -16.49 -13.78 -48.97
C TYR D 116 -15.09 -13.18 -48.95
N LEU D 117 -14.99 -11.93 -48.50
CA LEU D 117 -13.73 -11.20 -48.45
C LEU D 117 -13.28 -11.07 -47.00
N CYS D 118 -11.99 -10.80 -46.84
CA CYS D 118 -11.35 -10.66 -45.53
CA CYS D 118 -11.42 -10.62 -45.51
C CYS D 118 -10.55 -9.37 -45.51
N GLY D 119 -10.57 -8.67 -44.37
CA GLY D 119 -9.88 -7.40 -44.26
C GLY D 119 -9.33 -7.19 -42.87
N GLU D 120 -8.34 -6.31 -42.77
CA GLU D 120 -7.69 -5.97 -41.52
C GLU D 120 -8.12 -4.58 -41.09
N THR D 121 -8.30 -4.39 -39.78
CA THR D 121 -8.76 -3.13 -39.22
C THR D 121 -8.01 -2.83 -37.94
N SER D 122 -7.94 -1.54 -37.60
CA SER D 122 -7.35 -1.08 -36.36
C SER D 122 -8.39 -0.49 -35.42
N LEU D 123 -9.67 -0.74 -35.68
CA LEU D 123 -10.77 -0.18 -34.90
C LEU D 123 -11.77 -1.27 -34.52
N PHE D 124 -11.28 -2.41 -34.06
CA PHE D 124 -12.16 -3.42 -33.49
C PHE D 124 -12.88 -2.83 -32.29
N PRO D 125 -14.21 -3.02 -32.15
CA PRO D 125 -15.14 -3.65 -33.08
C PRO D 125 -15.71 -2.68 -34.09
N THR D 126 -15.87 -3.12 -35.34
CA THR D 126 -16.43 -2.28 -36.39
C THR D 126 -17.10 -3.19 -37.42
N SER D 127 -18.23 -2.72 -37.95
CA SER D 127 -18.92 -3.39 -39.04
C SER D 127 -18.80 -2.65 -40.36
N ARG D 128 -18.11 -1.51 -40.39
CA ARG D 128 -18.10 -0.63 -41.55
C ARG D 128 -16.89 -0.93 -42.43
N GLY D 129 -17.14 -1.16 -43.71
CA GLY D 129 -16.07 -1.48 -44.63
C GLY D 129 -14.97 -0.43 -44.64
N SER D 130 -15.33 0.84 -44.75
CA SER D 130 -14.32 1.89 -44.88
C SER D 130 -13.36 1.94 -43.71
N HIS D 131 -13.64 1.22 -42.62
CA HIS D 131 -12.75 1.15 -41.47
C HIS D 131 -11.70 0.05 -41.61
N TYR D 132 -11.81 -0.80 -42.63
CA TYR D 132 -10.84 -1.85 -42.88
C TYR D 132 -9.87 -1.36 -43.94
N ASP D 133 -8.59 -1.29 -43.58
CA ASP D 133 -7.60 -0.66 -44.44
C ASP D 133 -7.10 -1.60 -45.53
N THR D 134 -7.02 -2.89 -45.26
CA THR D 134 -6.47 -3.88 -46.18
C THR D 134 -7.51 -4.95 -46.47
N TRP D 135 -7.60 -5.36 -47.74
CA TRP D 135 -8.58 -6.35 -48.17
C TRP D 135 -7.91 -7.42 -49.01
N GLY D 136 -8.49 -8.62 -48.98
CA GLY D 136 -8.18 -9.64 -49.94
C GLY D 136 -9.08 -9.52 -51.15
N GLN D 137 -8.86 -10.41 -52.12
CA GLN D 137 -9.67 -10.44 -53.33
C GLN D 137 -10.91 -11.30 -53.18
N GLY D 138 -10.97 -12.15 -52.15
CA GLY D 138 -12.18 -12.87 -51.85
C GLY D 138 -12.27 -14.20 -52.56
N THR D 139 -13.04 -15.10 -51.96
CA THR D 139 -13.32 -16.41 -52.53
C THR D 139 -14.83 -16.55 -52.72
N GLN D 140 -15.22 -17.27 -53.78
CA GLN D 140 -16.62 -17.44 -54.12
C GLN D 140 -17.22 -18.59 -53.33
N VAL D 141 -18.44 -18.37 -52.83
CA VAL D 141 -19.24 -19.41 -52.20
C VAL D 141 -20.57 -19.45 -52.94
N THR D 142 -20.91 -20.62 -53.46
CA THR D 142 -22.17 -20.83 -54.16
C THR D 142 -22.91 -21.97 -53.47
N VAL D 143 -24.14 -21.70 -53.04
CA VAL D 143 -25.01 -22.71 -52.43
C VAL D 143 -26.18 -22.92 -53.36
N SER D 144 -26.34 -24.16 -53.84
CA SER D 144 -27.40 -24.53 -54.77
C SER D 144 -28.40 -25.42 -54.06
N SER D 145 -29.68 -25.09 -54.20
CA SER D 145 -30.75 -25.86 -53.56
C SER D 145 -30.80 -27.28 -54.11
#